data_7LX1
#
_entry.id   7LX1
#
_cell.length_a   182.332
_cell.length_b   58.379
_cell.length_c   67.229
_cell.angle_alpha   90.000
_cell.angle_beta   94.770
_cell.angle_gamma   90.000
#
_symmetry.space_group_name_H-M   'C 1 2 1'
#
loop_
_entity.id
_entity.type
_entity.pdbx_description
1 polymer 'Tryptophan synthase alpha chain'
2 polymer 'Tryptophan synthase beta chain'
3 non-polymer 1,2-ETHANEDIOL
4 non-polymer 'DIMETHYL SULFOXIDE'
5 non-polymer 'CHLORIDE ION'
6 non-polymer DI(HYDROXYETHYL)ETHER
7 non-polymer 'CESIUM ION'
8 non-polymer "PYRIDOXAL-5'-PHOSPHATE"
9 water water
#
loop_
_entity_poly.entity_id
_entity_poly.type
_entity_poly.pdbx_seq_one_letter_code
_entity_poly.pdbx_strand_id
1 'polypeptide(L)'
;MERYENLFAQLNDRREGAFVPFVTLGDPGIEQSLKIIDTLIDAGADALELGVPFSDPLADGPTIQNANLRAFAAGVTPAQ
CFEMLALIREKHPTIPIGLLMYANLVFNNGIDAFYARCEQVGVDSVLVADVPVEESAPFRQAALRHNIAPIFICPPNADD
DLLRQVASYGRGYTYLLSRSGVTGAENRGALPLHHLIEKLKEYHAAPALQGFGISSPEQVSAAVRAGAAGAISGSAIVKI
IEKNLASPKQMLAELRSFVSAMKAASRA
;
A
2 'polypeptide(L)'
;MTTLLNPYFGEFGGMYVPQILMPALNQLEEAFVSAQKDPEFQAQFADLLKNYAGRPTALTKCQNITAGTRTTLYLKREDL
LHGGAHKTNQVLGQALLAKRMGKSEIIAETGAGQHGVASALASALLGLKCRIYMGAKDVERQSPNVFRMRLMGAEVIPVH
SGSATLKDACNEALRDWSGSYETAHYMLGTAAGPHPYPTIVREFQRMIGEETKAQILDKEGRLPDAVIACVGGGSNAIGM
FADFINDTSVGLIGVEPGGHGIETGEHGAPLKHGRVGIYFGMKAPMMQTADGQIEESYSISAGLDFPSVGPQHAYLNSIG
RADYVSITDDEALEAFKTLCRHEGIIPALESSHALAHALKMMREQPEKEQLLVVNLSGRGDKDIFTVHDILKARGEI
;
B
#
loop_
_chem_comp.id
_chem_comp.type
_chem_comp.name
_chem_comp.formula
CL non-polymer 'CHLORIDE ION' 'Cl -1'
CS non-polymer 'CESIUM ION' 'Cs 1'
DMS non-polymer 'DIMETHYL SULFOXIDE' 'C2 H6 O S'
EDO non-polymer 1,2-ETHANEDIOL 'C2 H6 O2'
PEG non-polymer DI(HYDROXYETHYL)ETHER 'C4 H10 O3'
PLP non-polymer PYRIDOXAL-5'-PHOSPHATE 'C8 H10 N O6 P'
#
# COMPACT_ATOMS: atom_id res chain seq x y z
N MET A 1 -33.02 -5.73 8.72
CA MET A 1 -33.69 -4.52 9.27
C MET A 1 -33.73 -3.42 8.21
N GLU A 2 -34.48 -2.35 8.49
CA GLU A 2 -34.67 -1.26 7.55
C GLU A 2 -34.42 0.06 8.26
N ARG A 3 -33.33 0.14 9.02
CA ARG A 3 -33.15 1.27 9.93
C ARG A 3 -32.94 2.57 9.15
N TYR A 4 -32.12 2.52 8.08
CA TYR A 4 -31.88 3.72 7.27
C TYR A 4 -33.18 4.15 6.58
N GLU A 5 -33.91 3.19 6.01
CA GLU A 5 -35.14 3.49 5.30
C GLU A 5 -36.10 4.18 6.27
N ASN A 6 -36.21 3.63 7.48
CA ASN A 6 -37.14 4.19 8.47
C ASN A 6 -36.70 5.60 8.88
N LEU A 7 -35.39 5.77 9.13
CA LEU A 7 -34.89 7.08 9.53
C LEU A 7 -35.22 8.12 8.47
N PHE A 8 -34.91 7.83 7.18
CA PHE A 8 -35.08 8.80 6.12
C PHE A 8 -36.57 9.15 5.95
N ALA A 9 -37.45 8.16 6.08
CA ALA A 9 -38.88 8.42 5.95
C ALA A 9 -39.34 9.35 7.08
N GLN A 10 -38.87 9.09 8.30
CA GLN A 10 -39.24 9.90 9.45
C GLN A 10 -38.72 11.33 9.28
N LEU A 11 -37.46 11.46 8.85
CA LEU A 11 -36.88 12.78 8.65
C LEU A 11 -37.64 13.54 7.59
N ASN A 12 -37.99 12.85 6.48
CA ASN A 12 -38.70 13.45 5.37
C ASN A 12 -40.02 14.05 5.87
N ASP A 13 -40.73 13.27 6.69
CA ASP A 13 -42.00 13.68 7.26
C ASP A 13 -41.83 15.00 8.03
N ARG A 14 -40.66 15.20 8.65
CA ARG A 14 -40.38 16.38 9.46
C ARG A 14 -39.60 17.43 8.67
N ARG A 15 -39.45 17.23 7.35
CA ARG A 15 -38.71 18.13 6.48
C ARG A 15 -37.33 18.41 7.06
N GLU A 16 -36.60 17.34 7.45
CA GLU A 16 -35.44 17.48 8.30
C GLU A 16 -34.28 16.72 7.65
N GLY A 17 -33.06 17.23 7.80
CA GLY A 17 -31.91 16.44 7.37
C GLY A 17 -31.37 15.56 8.50
N ALA A 18 -30.55 14.55 8.10
CA ALA A 18 -29.84 13.73 9.07
C ALA A 18 -28.54 14.42 9.50
N PHE A 19 -28.18 14.28 10.79
CA PHE A 19 -26.83 14.61 11.19
C PHE A 19 -26.16 13.36 11.75
N VAL A 20 -24.99 13.04 11.20
CA VAL A 20 -24.30 11.78 11.46
C VAL A 20 -22.86 12.07 11.87
N PRO A 21 -22.52 11.97 13.18
CA PRO A 21 -21.14 12.08 13.63
C PRO A 21 -20.32 10.80 13.38
N PHE A 22 -19.03 10.96 13.06
CA PHE A 22 -18.05 9.86 13.02
C PHE A 22 -17.20 9.88 14.29
N VAL A 23 -17.03 8.70 14.94
CA VAL A 23 -15.93 8.52 15.88
C VAL A 23 -15.23 7.19 15.65
N THR A 24 -14.02 7.10 16.18
CA THR A 24 -13.30 5.83 16.22
C THR A 24 -13.69 5.05 17.47
N LEU A 25 -14.12 3.80 17.28
CA LEU A 25 -14.43 2.95 18.42
C LEU A 25 -13.18 2.77 19.28
N GLY A 26 -13.34 2.99 20.57
CA GLY A 26 -12.28 2.72 21.54
C GLY A 26 -11.37 3.94 21.78
N ASP A 27 -11.68 5.06 21.13
CA ASP A 27 -10.88 6.27 21.28
C ASP A 27 -11.58 7.18 22.27
N PRO A 28 -10.96 7.61 23.40
CA PRO A 28 -9.58 7.28 23.77
C PRO A 28 -9.36 5.97 24.55
N GLY A 29 -10.48 5.34 24.95
CA GLY A 29 -10.52 4.04 25.58
C GLY A 29 -11.93 3.47 25.52
N ILE A 30 -12.09 2.19 25.84
CA ILE A 30 -13.37 1.51 25.69
C ILE A 30 -14.47 2.22 26.48
N GLU A 31 -14.30 2.36 27.80
CA GLU A 31 -15.39 2.94 28.59
C GLU A 31 -15.68 4.38 28.15
N GLN A 32 -14.64 5.18 27.90
CA GLN A 32 -14.89 6.57 27.50
C GLN A 32 -15.57 6.65 26.12
N SER A 33 -15.18 5.77 25.19
CA SER A 33 -15.78 5.72 23.86
C SER A 33 -17.27 5.44 23.96
N LEU A 34 -17.64 4.51 24.85
CA LEU A 34 -19.04 4.17 25.07
C LEU A 34 -19.80 5.40 25.55
N LYS A 35 -19.21 6.18 26.47
CA LYS A 35 -19.92 7.34 26.97
C LYS A 35 -20.02 8.42 25.88
N ILE A 36 -18.95 8.59 25.11
CA ILE A 36 -18.95 9.48 23.97
C ILE A 36 -20.15 9.17 23.08
N ILE A 37 -20.26 7.91 22.65
CA ILE A 37 -21.29 7.51 21.69
C ILE A 37 -22.71 7.75 22.23
N ASP A 38 -22.94 7.43 23.51
CA ASP A 38 -24.24 7.66 24.12
C ASP A 38 -24.50 9.17 24.22
N THR A 39 -23.44 9.94 24.44
CA THR A 39 -23.58 11.39 24.46
C THR A 39 -23.99 11.92 23.08
N LEU A 40 -23.36 11.40 22.02
CA LEU A 40 -23.72 11.84 20.67
C LEU A 40 -25.19 11.54 20.41
N ILE A 41 -25.66 10.36 20.86
CA ILE A 41 -27.03 9.96 20.57
C ILE A 41 -28.01 10.84 21.33
N ASP A 42 -27.72 11.07 22.61
N ASP A 42 -27.75 11.02 22.64
CA ASP A 42 -28.63 11.82 23.46
CA ASP A 42 -28.60 11.84 23.50
C ASP A 42 -28.70 13.28 23.03
C ASP A 42 -28.75 13.24 22.92
N ALA A 43 -27.64 13.76 22.37
CA ALA A 43 -27.59 15.12 21.87
C ALA A 43 -28.32 15.26 20.52
N GLY A 44 -28.59 14.14 19.85
CA GLY A 44 -29.49 14.19 18.70
C GLY A 44 -28.92 13.63 17.41
N ALA A 45 -27.76 12.94 17.47
CA ALA A 45 -27.26 12.21 16.32
C ALA A 45 -28.38 11.34 15.74
N ASP A 46 -28.60 11.42 14.41
CA ASP A 46 -29.62 10.62 13.76
C ASP A 46 -29.15 9.22 13.39
N ALA A 47 -27.83 9.07 13.21
CA ALA A 47 -27.19 7.78 12.89
C ALA A 47 -25.75 7.92 13.35
N LEU A 48 -25.00 6.81 13.39
CA LEU A 48 -23.59 6.87 13.76
C LEU A 48 -22.75 6.33 12.61
N GLU A 49 -21.56 6.92 12.41
CA GLU A 49 -20.53 6.25 11.63
C GLU A 49 -19.38 5.94 12.59
N LEU A 50 -18.92 4.68 12.61
CA LEU A 50 -17.97 4.24 13.61
C LEU A 50 -16.78 3.53 12.94
N GLY A 51 -15.57 3.98 13.28
CA GLY A 51 -14.34 3.40 12.71
C GLY A 51 -13.78 2.31 13.61
N VAL A 52 -13.19 1.25 13.00
CA VAL A 52 -12.46 0.24 13.77
C VAL A 52 -10.96 0.51 13.63
N PRO A 53 -10.19 0.67 14.73
CA PRO A 53 -8.75 0.98 14.64
C PRO A 53 -8.01 -0.02 13.75
N PHE A 54 -7.24 0.52 12.79
CA PHE A 54 -6.47 -0.28 11.86
C PHE A 54 -5.07 0.30 11.70
N SER A 55 -4.09 -0.60 11.54
CA SER A 55 -2.67 -0.26 11.52
C SER A 55 -2.37 0.80 10.45
N ASP A 56 -3.06 0.77 9.30
CA ASP A 56 -2.69 1.60 8.17
C ASP A 56 -3.90 2.26 7.51
N PRO A 57 -4.48 3.32 8.14
CA PRO A 57 -5.69 3.96 7.61
C PRO A 57 -5.45 4.92 6.44
N LEU A 58 -5.46 4.35 5.23
CA LEU A 58 -5.01 4.92 3.97
C LEU A 58 -5.86 6.11 3.54
N ALA A 59 -7.16 6.09 3.90
CA ALA A 59 -8.08 7.11 3.42
C ALA A 59 -8.27 8.24 4.44
N ASP A 60 -7.49 8.23 5.54
CA ASP A 60 -7.81 9.10 6.67
C ASP A 60 -6.76 10.22 6.85
N GLY A 61 -7.23 11.41 7.24
CA GLY A 61 -6.41 12.57 7.55
C GLY A 61 -5.80 12.52 8.95
N PRO A 62 -5.09 13.61 9.40
CA PRO A 62 -4.32 13.61 10.66
C PRO A 62 -5.12 13.39 11.93
N THR A 63 -6.29 14.04 12.03
CA THR A 63 -7.13 13.92 13.21
C THR A 63 -7.50 12.46 13.44
N ILE A 64 -7.85 11.75 12.35
CA ILE A 64 -8.26 10.36 12.44
C ILE A 64 -7.07 9.44 12.65
N GLN A 65 -5.96 9.70 11.96
CA GLN A 65 -4.72 8.96 12.23
C GLN A 65 -4.44 8.95 13.74
N ASN A 66 -4.63 10.11 14.40
CA ASN A 66 -4.30 10.28 15.81
C ASN A 66 -5.30 9.53 16.67
N ALA A 67 -6.58 9.54 16.25
CA ALA A 67 -7.61 8.76 16.92
C ALA A 67 -7.24 7.27 16.92
N ASN A 68 -6.85 6.76 15.74
CA ASN A 68 -6.39 5.39 15.63
C ASN A 68 -5.27 5.08 16.61
N LEU A 69 -4.27 5.99 16.68
CA LEU A 69 -3.11 5.76 17.52
C LEU A 69 -3.57 5.70 18.98
N ARG A 70 -4.48 6.60 19.36
CA ARG A 70 -4.99 6.57 20.72
C ARG A 70 -5.66 5.24 21.03
N ALA A 71 -6.46 4.73 20.09
CA ALA A 71 -7.23 3.53 20.36
C ALA A 71 -6.30 2.32 20.47
N PHE A 72 -5.25 2.28 19.64
CA PHE A 72 -4.23 1.22 19.75
C PHE A 72 -3.43 1.34 21.03
N ALA A 73 -3.05 2.57 21.39
CA ALA A 73 -2.37 2.84 22.65
C ALA A 73 -3.16 2.26 23.82
N ALA A 74 -4.49 2.16 23.65
CA ALA A 74 -5.40 1.69 24.68
C ALA A 74 -5.60 0.18 24.58
N GLY A 75 -5.06 -0.41 23.51
CA GLY A 75 -5.03 -1.85 23.30
C GLY A 75 -6.29 -2.40 22.62
N VAL A 76 -7.00 -1.52 21.92
CA VAL A 76 -8.31 -1.82 21.36
C VAL A 76 -8.16 -2.74 20.14
N THR A 77 -8.92 -3.85 20.14
CA THR A 77 -8.84 -4.83 19.06
C THR A 77 -10.16 -4.86 18.29
N PRO A 78 -10.22 -5.45 17.07
CA PRO A 78 -11.48 -5.61 16.37
C PRO A 78 -12.53 -6.40 17.17
N ALA A 79 -12.07 -7.44 17.89
CA ALA A 79 -13.00 -8.23 18.69
C ALA A 79 -13.66 -7.32 19.74
N GLN A 80 -12.86 -6.45 20.35
CA GLN A 80 -13.43 -5.58 21.38
C GLN A 80 -14.40 -4.57 20.75
N CYS A 81 -14.08 -4.11 19.55
CA CYS A 81 -14.98 -3.22 18.84
C CYS A 81 -16.35 -3.89 18.63
N PHE A 82 -16.36 -5.18 18.25
CA PHE A 82 -17.63 -5.86 17.99
C PHE A 82 -18.39 -6.07 19.28
N GLU A 83 -17.66 -6.28 20.38
CA GLU A 83 -18.31 -6.32 21.69
C GLU A 83 -19.01 -4.98 21.96
N MET A 84 -18.30 -3.86 21.68
CA MET A 84 -18.86 -2.53 21.85
C MET A 84 -20.09 -2.35 20.97
N LEU A 85 -20.02 -2.82 19.71
CA LEU A 85 -21.14 -2.60 18.81
C LEU A 85 -22.41 -3.29 19.31
N ALA A 86 -22.26 -4.52 19.81
CA ALA A 86 -23.39 -5.24 20.38
C ALA A 86 -24.00 -4.46 21.54
N LEU A 87 -23.12 -3.88 22.38
CA LEU A 87 -23.64 -3.15 23.53
C LEU A 87 -24.40 -1.89 23.08
N ILE A 88 -23.85 -1.21 22.05
CA ILE A 88 -24.43 0.02 21.57
C ILE A 88 -25.82 -0.24 21.00
N ARG A 89 -25.96 -1.28 20.15
CA ARG A 89 -27.23 -1.66 19.55
C ARG A 89 -28.26 -2.04 20.62
N GLU A 90 -27.78 -2.65 21.70
CA GLU A 90 -28.67 -3.13 22.76
C GLU A 90 -29.25 -1.93 23.50
N LYS A 91 -28.53 -0.82 23.48
CA LYS A 91 -28.96 0.37 24.18
C LYS A 91 -29.89 1.19 23.30
N HIS A 92 -29.80 0.99 21.98
CA HIS A 92 -30.43 1.95 21.08
C HIS A 92 -30.96 1.23 19.86
N PRO A 93 -32.25 0.87 19.79
CA PRO A 93 -32.66 -0.15 18.82
C PRO A 93 -32.90 0.42 17.42
N THR A 94 -33.12 1.74 17.30
CA THR A 94 -33.53 2.21 15.98
C THR A 94 -32.44 2.99 15.25
N ILE A 95 -31.45 3.49 15.96
CA ILE A 95 -30.51 4.40 15.29
C ILE A 95 -29.70 3.58 14.31
N PRO A 96 -29.55 4.01 13.03
CA PRO A 96 -28.69 3.28 12.09
C PRO A 96 -27.22 3.37 12.52
N ILE A 97 -26.52 2.22 12.46
CA ILE A 97 -25.12 2.17 12.83
C ILE A 97 -24.31 1.75 11.60
N GLY A 98 -23.43 2.65 11.15
CA GLY A 98 -22.62 2.30 10.01
C GLY A 98 -21.17 2.17 10.42
N LEU A 99 -20.45 1.19 9.84
CA LEU A 99 -19.01 1.09 10.12
C LEU A 99 -18.23 1.70 8.98
N LEU A 100 -17.05 2.26 9.31
CA LEU A 100 -16.06 2.60 8.31
C LEU A 100 -14.90 1.63 8.51
N MET A 101 -14.71 0.76 7.51
CA MET A 101 -13.73 -0.32 7.64
C MET A 101 -12.61 -0.17 6.62
N TYR A 102 -11.49 -0.81 6.94
CA TYR A 102 -10.44 -1.14 5.97
C TYR A 102 -10.56 -2.58 5.49
N ALA A 103 -10.26 -2.80 4.19
CA ALA A 103 -10.47 -4.08 3.51
C ALA A 103 -9.80 -5.23 4.28
N ASN A 104 -8.57 -5.01 4.81
CA ASN A 104 -7.90 -6.14 5.43
C ASN A 104 -8.69 -6.70 6.62
N LEU A 105 -9.32 -5.82 7.42
CA LEU A 105 -10.01 -6.33 8.59
C LEU A 105 -11.30 -7.05 8.20
N VAL A 106 -11.84 -6.69 7.04
CA VAL A 106 -13.03 -7.37 6.53
C VAL A 106 -12.62 -8.73 5.97
N PHE A 107 -11.49 -8.76 5.27
CA PHE A 107 -11.09 -9.96 4.55
C PHE A 107 -10.42 -10.97 5.48
N ASN A 108 -9.90 -10.47 6.61
CA ASN A 108 -8.95 -11.18 7.46
C ASN A 108 -9.42 -12.59 7.80
N ASN A 109 -10.65 -12.70 8.33
CA ASN A 109 -11.15 -13.99 8.75
C ASN A 109 -12.24 -14.51 7.81
N GLY A 110 -12.25 -14.01 6.57
CA GLY A 110 -13.29 -14.35 5.63
C GLY A 110 -14.32 -13.22 5.54
N ILE A 111 -14.62 -12.79 4.30
CA ILE A 111 -15.49 -11.65 4.08
C ILE A 111 -16.89 -12.00 4.57
N ASP A 112 -17.38 -13.20 4.22
CA ASP A 112 -18.72 -13.58 4.64
C ASP A 112 -18.88 -13.59 6.16
N ALA A 113 -17.89 -14.13 6.88
CA ALA A 113 -17.90 -14.18 8.35
C ALA A 113 -17.89 -12.79 8.97
N PHE A 114 -17.19 -11.84 8.34
CA PHE A 114 -17.18 -10.48 8.84
C PHE A 114 -18.59 -9.90 8.85
N TYR A 115 -19.28 -10.02 7.71
CA TYR A 115 -20.59 -9.40 7.59
C TYR A 115 -21.60 -10.20 8.42
N ALA A 116 -21.37 -11.50 8.59
CA ALA A 116 -22.19 -12.27 9.52
C ALA A 116 -22.07 -11.70 10.93
N ARG A 117 -20.83 -11.39 11.33
CA ARG A 117 -20.64 -10.80 12.66
C ARG A 117 -21.31 -9.42 12.75
N CYS A 118 -21.23 -8.63 11.66
CA CYS A 118 -21.90 -7.32 11.63
C CYS A 118 -23.40 -7.49 11.90
N GLU A 119 -24.02 -8.44 11.20
CA GLU A 119 -25.45 -8.68 11.35
C GLU A 119 -25.77 -9.10 12.79
N GLN A 120 -24.97 -10.00 13.35
CA GLN A 120 -25.19 -10.52 14.70
C GLN A 120 -25.22 -9.39 15.74
N VAL A 121 -24.32 -8.41 15.62
CA VAL A 121 -24.27 -7.32 16.60
C VAL A 121 -25.23 -6.18 16.24
N GLY A 122 -25.80 -6.18 15.05
CA GLY A 122 -26.85 -5.19 14.79
C GLY A 122 -26.37 -3.96 14.02
N VAL A 123 -25.24 -4.08 13.31
CA VAL A 123 -24.77 -3.05 12.39
C VAL A 123 -25.70 -2.97 11.18
N ASP A 124 -25.85 -1.77 10.62
CA ASP A 124 -26.72 -1.58 9.47
C ASP A 124 -25.97 -1.40 8.15
N SER A 125 -24.79 -0.77 8.18
CA SER A 125 -24.05 -0.49 6.95
C SER A 125 -22.55 -0.63 7.17
N VAL A 126 -21.82 -0.86 6.06
CA VAL A 126 -20.37 -0.90 6.07
C VAL A 126 -19.86 -0.14 4.85
N LEU A 127 -19.00 0.85 5.10
CA LEU A 127 -18.20 1.51 4.08
C LEU A 127 -16.78 0.93 4.19
N VAL A 128 -16.31 0.32 3.11
CA VAL A 128 -14.93 -0.16 3.11
C VAL A 128 -14.08 0.88 2.39
N ALA A 129 -13.24 1.60 3.14
CA ALA A 129 -12.64 2.83 2.66
C ALA A 129 -11.72 2.64 1.46
N ASP A 130 -11.06 1.47 1.35
CA ASP A 130 -10.09 1.20 0.31
C ASP A 130 -10.60 0.15 -0.70
N VAL A 131 -11.93 0.07 -0.86
CA VAL A 131 -12.47 -0.78 -1.91
C VAL A 131 -13.27 0.10 -2.86
N PRO A 132 -12.78 0.38 -4.08
CA PRO A 132 -13.54 1.19 -5.02
C PRO A 132 -14.70 0.32 -5.52
N VAL A 133 -15.68 0.96 -6.16
N VAL A 133 -15.68 0.96 -6.14
CA VAL A 133 -16.87 0.25 -6.61
CA VAL A 133 -16.88 0.24 -6.53
C VAL A 133 -16.45 -0.86 -7.56
C VAL A 133 -16.51 -0.80 -7.60
N GLU A 134 -15.41 -0.58 -8.33
CA GLU A 134 -14.94 -1.53 -9.35
C GLU A 134 -14.51 -2.86 -8.72
N GLU A 135 -14.12 -2.86 -7.44
CA GLU A 135 -13.62 -4.06 -6.79
C GLU A 135 -14.60 -4.56 -5.74
N SER A 136 -15.82 -3.98 -5.70
CA SER A 136 -16.65 -4.13 -4.51
C SER A 136 -17.47 -5.42 -4.52
N ALA A 137 -17.56 -6.10 -5.66
CA ALA A 137 -18.54 -7.16 -5.79
C ALA A 137 -18.59 -8.08 -4.56
N PRO A 138 -17.50 -8.79 -4.12
CA PRO A 138 -17.63 -9.72 -3.00
C PRO A 138 -18.02 -9.07 -1.68
N PHE A 139 -17.70 -7.78 -1.51
CA PHE A 139 -18.07 -7.06 -0.27
C PHE A 139 -19.57 -6.73 -0.28
N ARG A 140 -20.09 -6.24 -1.41
CA ARG A 140 -21.51 -5.90 -1.54
C ARG A 140 -22.36 -7.16 -1.36
N GLN A 141 -21.95 -8.24 -2.03
CA GLN A 141 -22.71 -9.48 -1.99
C GLN A 141 -22.78 -10.02 -0.56
N ALA A 142 -21.64 -10.11 0.13
CA ALA A 142 -21.62 -10.55 1.52
C ALA A 142 -22.47 -9.63 2.39
N ALA A 143 -22.36 -8.31 2.14
CA ALA A 143 -23.13 -7.36 2.93
C ALA A 143 -24.63 -7.66 2.81
N LEU A 144 -25.13 -7.69 1.58
CA LEU A 144 -26.57 -7.85 1.37
C LEU A 144 -27.04 -9.23 1.87
N ARG A 145 -26.19 -10.27 1.76
CA ARG A 145 -26.61 -11.58 2.26
C ARG A 145 -26.88 -11.54 3.76
N HIS A 146 -26.23 -10.58 4.44
CA HIS A 146 -26.34 -10.46 5.88
C HIS A 146 -27.12 -9.21 6.28
N ASN A 147 -27.96 -8.69 5.38
CA ASN A 147 -28.84 -7.56 5.66
C ASN A 147 -28.04 -6.32 6.07
N ILE A 148 -26.86 -6.16 5.46
CA ILE A 148 -26.00 -4.98 5.72
C ILE A 148 -25.97 -4.17 4.42
N ALA A 149 -26.18 -2.85 4.55
CA ALA A 149 -26.09 -1.95 3.40
C ALA A 149 -24.62 -1.70 3.06
N PRO A 150 -24.18 -1.97 1.81
CA PRO A 150 -22.86 -1.53 1.36
C PRO A 150 -22.94 -0.05 0.97
N ILE A 151 -22.05 0.77 1.56
CA ILE A 151 -21.98 2.21 1.35
C ILE A 151 -20.80 2.54 0.45
N PHE A 152 -21.08 3.34 -0.58
CA PHE A 152 -20.03 3.83 -1.46
C PHE A 152 -19.84 5.33 -1.37
N ILE A 153 -18.59 5.75 -1.59
CA ILE A 153 -18.22 7.14 -1.67
C ILE A 153 -18.41 7.62 -3.10
N CYS A 154 -19.06 8.79 -3.22
CA CYS A 154 -19.16 9.50 -4.48
C CYS A 154 -18.20 10.69 -4.39
N PRO A 155 -17.01 10.61 -5.02
CA PRO A 155 -15.97 11.63 -4.81
C PRO A 155 -16.25 12.85 -5.68
N PRO A 156 -15.50 13.96 -5.46
CA PRO A 156 -15.69 15.18 -6.26
C PRO A 156 -15.38 14.94 -7.73
N ASN A 157 -14.45 14.02 -8.01
CA ASN A 157 -14.00 13.71 -9.37
C ASN A 157 -14.90 12.67 -10.04
N ALA A 158 -16.09 12.38 -9.48
CA ALA A 158 -16.98 11.36 -10.03
C ALA A 158 -17.43 11.72 -11.45
N ASP A 159 -17.53 10.71 -12.32
CA ASP A 159 -18.10 10.84 -13.65
C ASP A 159 -19.46 10.14 -13.67
N ASP A 160 -20.09 10.09 -14.86
CA ASP A 160 -21.45 9.59 -15.00
C ASP A 160 -21.50 8.08 -14.77
N ASP A 161 -20.46 7.37 -15.25
CA ASP A 161 -20.40 5.92 -15.10
C ASP A 161 -20.32 5.57 -13.62
N LEU A 162 -19.55 6.36 -12.88
CA LEU A 162 -19.39 6.14 -11.46
C LEU A 162 -20.70 6.42 -10.76
N LEU A 163 -21.39 7.50 -11.17
CA LEU A 163 -22.64 7.87 -10.54
C LEU A 163 -23.63 6.71 -10.69
N ARG A 164 -23.71 6.14 -11.90
CA ARG A 164 -24.64 5.07 -12.19
C ARG A 164 -24.31 3.84 -11.35
N GLN A 165 -23.01 3.54 -11.23
CA GLN A 165 -22.57 2.39 -10.47
C GLN A 165 -22.88 2.59 -9.00
N VAL A 166 -22.56 3.78 -8.49
CA VAL A 166 -22.79 4.05 -7.08
C VAL A 166 -24.30 3.97 -6.80
N ALA A 167 -25.10 4.53 -7.71
CA ALA A 167 -26.55 4.53 -7.56
C ALA A 167 -27.10 3.11 -7.52
N SER A 168 -26.57 2.26 -8.39
CA SER A 168 -27.10 0.92 -8.53
C SER A 168 -26.66 0.00 -7.38
N TYR A 169 -25.41 0.16 -6.91
CA TYR A 169 -24.79 -0.81 -6.01
C TYR A 169 -24.95 -0.43 -4.54
N GLY A 170 -25.02 0.87 -4.21
CA GLY A 170 -25.07 1.26 -2.81
C GLY A 170 -26.47 1.09 -2.20
N ARG A 171 -26.55 0.92 -0.87
CA ARG A 171 -27.79 0.98 -0.12
C ARG A 171 -27.61 1.83 1.12
N GLY A 172 -28.72 2.17 1.80
CA GLY A 172 -28.64 2.87 3.07
C GLY A 172 -28.49 4.37 2.82
N TYR A 173 -27.27 4.79 2.45
CA TYR A 173 -27.08 6.13 1.95
C TYR A 173 -25.86 6.18 1.04
N THR A 174 -25.77 7.25 0.26
CA THR A 174 -24.61 7.48 -0.58
C THR A 174 -23.72 8.49 0.14
N TYR A 175 -22.41 8.19 0.25
CA TYR A 175 -21.49 9.02 0.99
C TYR A 175 -20.92 10.02 -0.01
N LEU A 176 -21.35 11.29 0.08
CA LEU A 176 -20.96 12.31 -0.87
C LEU A 176 -19.73 13.06 -0.37
N LEU A 177 -18.72 13.21 -1.23
CA LEU A 177 -17.65 14.17 -1.00
C LEU A 177 -17.70 15.22 -2.11
N SER A 178 -18.33 16.36 -1.80
CA SER A 178 -18.42 17.49 -2.71
C SER A 178 -17.73 18.70 -2.07
N HIS A 194 -23.75 19.82 -6.57
CA HIS A 194 -25.23 19.97 -6.75
C HIS A 194 -25.69 19.21 -8.00
N HIS A 195 -24.81 19.15 -9.01
CA HIS A 195 -25.02 18.29 -10.16
C HIS A 195 -25.06 16.84 -9.68
N LEU A 196 -24.12 16.51 -8.77
CA LEU A 196 -23.98 15.18 -8.20
C LEU A 196 -25.28 14.80 -7.51
N ILE A 197 -25.83 15.74 -6.71
CA ILE A 197 -27.03 15.44 -5.93
C ILE A 197 -28.19 15.14 -6.87
N GLU A 198 -28.31 15.93 -7.94
CA GLU A 198 -29.43 15.80 -8.85
C GLU A 198 -29.33 14.47 -9.61
N LYS A 199 -28.11 14.13 -10.06
CA LYS A 199 -27.86 12.91 -10.81
C LYS A 199 -28.14 11.68 -9.96
N LEU A 200 -27.68 11.70 -8.69
CA LEU A 200 -27.90 10.58 -7.82
C LEU A 200 -29.40 10.32 -7.67
N LYS A 201 -30.18 11.38 -7.46
CA LYS A 201 -31.62 11.23 -7.32
C LYS A 201 -32.22 10.68 -8.63
N GLU A 202 -31.72 11.17 -9.76
CA GLU A 202 -32.21 10.75 -11.06
C GLU A 202 -32.02 9.25 -11.22
N TYR A 203 -30.95 8.71 -10.61
CA TYR A 203 -30.60 7.32 -10.79
C TYR A 203 -31.07 6.49 -9.59
N HIS A 204 -31.91 7.10 -8.76
CA HIS A 204 -32.57 6.40 -7.66
C HIS A 204 -31.53 5.86 -6.65
N ALA A 205 -30.46 6.62 -6.43
CA ALA A 205 -29.44 6.25 -5.47
C ALA A 205 -29.97 6.33 -4.05
N ALA A 206 -29.29 5.65 -3.12
CA ALA A 206 -29.54 5.82 -1.71
C ALA A 206 -29.39 7.30 -1.37
N PRO A 207 -30.20 7.83 -0.42
CA PRO A 207 -30.13 9.26 -0.07
C PRO A 207 -28.68 9.69 0.23
N ALA A 208 -28.29 10.86 -0.28
CA ALA A 208 -26.92 11.36 -0.16
C ALA A 208 -26.72 12.04 1.20
N LEU A 209 -25.63 11.67 1.87
CA LEU A 209 -25.15 12.45 3.02
C LEU A 209 -23.85 13.16 2.62
N GLN A 210 -23.79 14.49 2.81
CA GLN A 210 -22.58 15.23 2.48
C GLN A 210 -21.54 15.01 3.59
N GLY A 211 -20.35 14.54 3.19
CA GLY A 211 -19.32 14.21 4.15
C GLY A 211 -18.04 15.04 4.03
N PHE A 212 -17.98 15.98 3.08
CA PHE A 212 -16.83 16.86 2.98
C PHE A 212 -17.05 18.13 3.80
N GLY A 213 -16.11 18.38 4.72
CA GLY A 213 -15.97 19.68 5.40
C GLY A 213 -17.14 20.07 6.29
N ILE A 214 -17.69 19.11 7.02
CA ILE A 214 -18.86 19.43 7.81
C ILE A 214 -18.40 19.69 9.24
N SER A 215 -18.03 20.95 9.51
CA SER A 215 -17.47 21.23 10.83
C SER A 215 -18.24 22.32 11.56
N SER A 216 -19.30 22.86 10.95
CA SER A 216 -20.09 23.87 11.63
C SER A 216 -21.57 23.79 11.22
N PRO A 217 -22.47 24.32 12.05
CA PRO A 217 -23.90 24.31 11.72
C PRO A 217 -24.26 24.83 10.33
N GLU A 218 -23.53 25.84 9.83
CA GLU A 218 -23.93 26.43 8.55
C GLU A 218 -23.72 25.42 7.43
N GLN A 219 -22.75 24.52 7.60
CA GLN A 219 -22.46 23.55 6.56
C GLN A 219 -23.53 22.46 6.55
N VAL A 220 -24.04 22.12 7.73
CA VAL A 220 -25.15 21.19 7.86
C VAL A 220 -26.35 21.74 7.08
N SER A 221 -26.71 22.99 7.37
N SER A 221 -26.72 22.99 7.36
N SER A 221 -26.72 22.99 7.36
CA SER A 221 -27.86 23.60 6.72
CA SER A 221 -27.87 23.62 6.72
CA SER A 221 -27.87 23.62 6.73
C SER A 221 -27.66 23.70 5.20
C SER A 221 -27.66 23.72 5.21
C SER A 221 -27.66 23.72 5.22
N ALA A 222 -26.43 24.06 4.80
CA ALA A 222 -26.08 24.20 3.39
C ALA A 222 -26.24 22.85 2.65
N ALA A 223 -25.81 21.76 3.30
CA ALA A 223 -25.90 20.43 2.70
C ALA A 223 -27.35 20.07 2.36
N VAL A 224 -28.25 20.24 3.33
CA VAL A 224 -29.67 19.97 3.22
C VAL A 224 -30.31 20.91 2.18
N ARG A 225 -29.97 22.19 2.24
CA ARG A 225 -30.50 23.16 1.27
C ARG A 225 -30.10 22.78 -0.16
N ALA A 226 -28.91 22.20 -0.35
CA ALA A 226 -28.42 21.78 -1.66
C ALA A 226 -29.15 20.54 -2.17
N GLY A 227 -29.91 19.87 -1.29
CA GLY A 227 -30.73 18.74 -1.71
C GLY A 227 -30.28 17.40 -1.11
N ALA A 228 -29.19 17.43 -0.33
CA ALA A 228 -28.73 16.21 0.35
C ALA A 228 -29.67 15.86 1.48
N ALA A 229 -29.66 14.58 1.85
CA ALA A 229 -30.55 14.08 2.88
C ALA A 229 -29.98 14.40 4.27
N GLY A 230 -28.77 14.95 4.32
CA GLY A 230 -28.10 15.20 5.59
C GLY A 230 -26.58 15.31 5.44
N ALA A 231 -25.88 15.24 6.58
CA ALA A 231 -24.46 15.56 6.58
C ALA A 231 -23.74 14.70 7.61
N ILE A 232 -22.51 14.32 7.25
CA ILE A 232 -21.65 13.50 8.11
C ILE A 232 -20.47 14.37 8.54
N SER A 233 -20.25 14.42 9.86
CA SER A 233 -19.12 15.15 10.41
C SER A 233 -17.96 14.15 10.60
N GLY A 234 -17.10 14.11 9.59
CA GLY A 234 -16.04 13.14 9.40
C GLY A 234 -14.87 13.23 10.38
N SER A 235 -14.63 14.41 10.98
CA SER A 235 -13.47 14.58 11.86
C SER A 235 -13.73 15.54 13.03
N ALA A 236 -14.71 16.45 12.92
CA ALA A 236 -14.87 17.51 13.92
C ALA A 236 -15.19 16.95 15.31
N ILE A 237 -15.80 15.78 15.36
CA ILE A 237 -16.18 15.19 16.64
C ILE A 237 -14.91 14.69 17.29
N VAL A 238 -14.03 14.12 16.46
CA VAL A 238 -12.77 13.57 16.90
C VAL A 238 -11.85 14.70 17.38
N LYS A 239 -11.95 15.86 16.72
CA LYS A 239 -11.18 17.02 17.14
C LYS A 239 -11.54 17.42 18.56
N ILE A 240 -12.82 17.29 18.95
CA ILE A 240 -13.23 17.67 20.30
C ILE A 240 -12.69 16.66 21.31
N ILE A 241 -12.68 15.38 20.91
CA ILE A 241 -12.07 14.34 21.74
C ILE A 241 -10.58 14.70 21.95
N GLU A 242 -9.85 14.91 20.86
CA GLU A 242 -8.42 15.16 20.93
C GLU A 242 -8.11 16.37 21.81
N LYS A 243 -8.99 17.38 21.79
CA LYS A 243 -8.77 18.63 22.53
C LYS A 243 -9.01 18.48 24.03
N ASN A 244 -9.83 17.51 24.42
CA ASN A 244 -10.29 17.45 25.81
C ASN A 244 -9.82 16.15 26.47
N LEU A 245 -8.73 15.56 25.96
CA LEU A 245 -8.25 14.27 26.45
C LEU A 245 -8.06 14.29 27.97
N ALA A 246 -7.55 15.41 28.48
CA ALA A 246 -7.16 15.51 29.89
C ALA A 246 -8.40 15.70 30.77
N SER A 247 -9.55 15.94 30.15
CA SER A 247 -10.75 16.28 30.90
C SER A 247 -11.97 15.55 30.35
N PRO A 248 -12.18 14.26 30.70
CA PRO A 248 -13.31 13.49 30.16
C PRO A 248 -14.69 14.11 30.36
N LYS A 249 -14.91 14.80 31.49
CA LYS A 249 -16.19 15.42 31.80
C LYS A 249 -16.47 16.56 30.81
N GLN A 250 -15.45 17.38 30.57
CA GLN A 250 -15.57 18.52 29.69
C GLN A 250 -15.73 18.02 28.25
N MET A 251 -15.03 16.91 27.96
CA MET A 251 -15.09 16.31 26.66
C MET A 251 -16.55 16.02 26.32
N LEU A 252 -17.23 15.32 27.24
CA LEU A 252 -18.60 14.94 27.03
C LEU A 252 -19.46 16.20 26.90
N ALA A 253 -19.22 17.19 27.79
CA ALA A 253 -19.96 18.44 27.75
C ALA A 253 -19.87 19.09 26.37
N GLU A 254 -18.65 19.17 25.81
CA GLU A 254 -18.44 19.87 24.56
C GLU A 254 -19.01 19.08 23.39
N LEU A 255 -18.97 17.74 23.48
CA LEU A 255 -19.57 16.92 22.44
C LEU A 255 -21.07 17.14 22.39
N ARG A 256 -21.71 17.20 23.57
CA ARG A 256 -23.15 17.38 23.66
C ARG A 256 -23.58 18.70 23.01
N SER A 257 -22.90 19.81 23.37
CA SER A 257 -23.30 21.10 22.81
C SER A 257 -23.02 21.16 21.31
N PHE A 258 -21.89 20.60 20.85
CA PHE A 258 -21.58 20.60 19.42
C PHE A 258 -22.63 19.81 18.64
N VAL A 259 -22.95 18.60 19.10
CA VAL A 259 -23.85 17.75 18.34
C VAL A 259 -25.25 18.37 18.31
N SER A 260 -25.68 18.92 19.44
CA SER A 260 -26.97 19.59 19.57
C SER A 260 -27.10 20.71 18.54
N ALA A 261 -26.01 21.48 18.38
CA ALA A 261 -26.00 22.62 17.50
C ALA A 261 -26.05 22.16 16.05
N MET A 262 -25.30 21.09 15.76
CA MET A 262 -25.24 20.56 14.41
C MET A 262 -26.59 19.99 14.01
N LYS A 263 -27.23 19.26 14.93
CA LYS A 263 -28.52 18.65 14.64
C LYS A 263 -29.58 19.76 14.48
N ALA A 264 -29.47 20.81 15.29
CA ALA A 264 -30.44 21.90 15.19
C ALA A 264 -30.43 22.48 13.79
N ALA A 265 -29.22 22.54 13.20
CA ALA A 265 -28.99 23.11 11.88
C ALA A 265 -29.71 22.31 10.78
N SER A 266 -30.11 21.07 11.08
CA SER A 266 -30.68 20.19 10.06
C SER A 266 -32.20 20.33 9.99
N ARG A 267 -32.77 20.93 11.05
CA ARG A 267 -34.20 20.99 11.32
C ARG A 267 -34.85 22.05 10.44
N ALA A 268 -36.03 21.71 9.94
CA ALA A 268 -36.86 22.56 9.10
C ALA A 268 -37.21 23.86 9.85
N THR B 2 -13.54 0.31 -15.22
CA THR B 2 -13.02 -0.40 -16.42
C THR B 2 -11.51 -0.15 -16.49
N THR B 3 -10.74 -1.15 -16.91
CA THR B 3 -9.33 -0.90 -17.21
C THR B 3 -8.96 -1.45 -18.58
N LEU B 4 -7.81 -1.00 -19.10
CA LEU B 4 -7.31 -1.52 -20.37
C LEU B 4 -6.63 -2.87 -20.16
N LEU B 5 -6.03 -3.05 -18.99
CA LEU B 5 -5.26 -4.25 -18.73
C LEU B 5 -5.88 -4.97 -17.54
N ASN B 6 -5.61 -6.28 -17.45
CA ASN B 6 -6.11 -7.06 -16.34
C ASN B 6 -5.39 -6.62 -15.06
N PRO B 7 -6.07 -6.12 -14.01
CA PRO B 7 -5.35 -5.69 -12.80
C PRO B 7 -4.87 -6.79 -11.85
N TYR B 8 -5.22 -8.04 -12.16
CA TYR B 8 -4.91 -9.21 -11.34
C TYR B 8 -3.94 -10.16 -12.02
N PHE B 9 -3.15 -10.83 -11.18
CA PHE B 9 -2.37 -12.00 -11.58
C PHE B 9 -3.03 -13.17 -10.89
N GLY B 10 -3.90 -13.86 -11.61
CA GLY B 10 -4.74 -14.82 -10.91
C GLY B 10 -5.61 -14.11 -9.90
N GLU B 11 -5.52 -14.53 -8.63
N GLU B 11 -5.52 -14.52 -8.63
CA GLU B 11 -6.33 -13.97 -7.56
CA GLU B 11 -6.35 -13.95 -7.60
C GLU B 11 -5.66 -12.76 -6.92
C GLU B 11 -5.62 -12.83 -6.85
N PHE B 12 -4.40 -12.49 -7.29
CA PHE B 12 -3.57 -11.55 -6.56
C PHE B 12 -3.54 -10.21 -7.31
N GLY B 13 -3.48 -9.08 -6.55
CA GLY B 13 -3.27 -7.78 -7.18
C GLY B 13 -4.48 -6.88 -6.98
N GLY B 14 -5.04 -6.35 -8.06
CA GLY B 14 -6.19 -5.47 -7.89
C GLY B 14 -5.86 -3.98 -7.71
N MET B 15 -6.91 -3.19 -7.43
CA MET B 15 -6.82 -1.75 -7.23
C MET B 15 -7.57 -1.37 -5.97
N TYR B 16 -7.01 -1.72 -4.81
CA TYR B 16 -7.74 -1.53 -3.56
C TYR B 16 -7.34 -0.19 -2.94
N VAL B 17 -7.86 0.89 -3.53
CA VAL B 17 -7.59 2.25 -3.13
C VAL B 17 -8.94 2.96 -2.95
N PRO B 18 -9.00 4.04 -2.14
CA PRO B 18 -10.23 4.85 -2.08
C PRO B 18 -10.66 5.25 -3.49
N GLN B 19 -11.98 5.44 -3.68
CA GLN B 19 -12.55 5.79 -4.98
C GLN B 19 -11.85 7.00 -5.60
N ILE B 20 -11.51 7.97 -4.74
CA ILE B 20 -10.94 9.24 -5.20
C ILE B 20 -9.66 9.03 -6.03
N LEU B 21 -8.96 7.91 -5.80
CA LEU B 21 -7.68 7.67 -6.46
C LEU B 21 -7.85 6.88 -7.75
N MET B 22 -9.05 6.35 -8.03
CA MET B 22 -9.18 5.54 -9.24
C MET B 22 -8.86 6.33 -10.52
N PRO B 23 -9.35 7.58 -10.69
CA PRO B 23 -9.00 8.30 -11.92
C PRO B 23 -7.48 8.46 -12.11
N ALA B 24 -6.75 8.67 -11.02
CA ALA B 24 -5.29 8.77 -11.09
C ALA B 24 -4.69 7.46 -11.60
N LEU B 25 -5.19 6.31 -11.09
CA LEU B 25 -4.68 5.02 -11.55
C LEU B 25 -5.07 4.78 -13.01
N ASN B 26 -6.33 5.12 -13.38
CA ASN B 26 -6.75 4.90 -14.77
C ASN B 26 -5.93 5.79 -15.71
N GLN B 27 -5.70 7.02 -15.29
CA GLN B 27 -4.89 7.93 -16.10
C GLN B 27 -3.50 7.33 -16.34
N LEU B 28 -2.89 6.85 -15.28
CA LEU B 28 -1.53 6.31 -15.36
C LEU B 28 -1.50 5.07 -16.26
N GLU B 29 -2.50 4.20 -16.08
CA GLU B 29 -2.55 3.02 -16.92
C GLU B 29 -2.65 3.39 -18.40
N GLU B 30 -3.50 4.38 -18.70
N GLU B 30 -3.48 4.39 -18.75
CA GLU B 30 -3.74 4.86 -20.05
CA GLU B 30 -3.63 4.71 -20.16
C GLU B 30 -2.43 5.38 -20.65
C GLU B 30 -2.34 5.34 -20.68
N ALA B 31 -1.70 6.17 -19.86
CA ALA B 31 -0.46 6.81 -20.29
C ALA B 31 0.62 5.76 -20.54
N PHE B 32 0.63 4.73 -19.68
CA PHE B 32 1.60 3.67 -19.82
C PHE B 32 1.29 2.86 -21.07
N VAL B 33 0.00 2.54 -21.31
CA VAL B 33 -0.32 1.69 -22.44
C VAL B 33 0.09 2.42 -23.73
N SER B 34 -0.17 3.72 -23.78
CA SER B 34 0.22 4.59 -24.89
C SER B 34 1.74 4.66 -25.05
N ALA B 35 2.43 4.89 -23.94
CA ALA B 35 3.89 4.97 -23.96
C ALA B 35 4.49 3.70 -24.57
N GLN B 36 3.94 2.54 -24.19
CA GLN B 36 4.54 1.27 -24.58
C GLN B 36 4.40 1.06 -26.08
N LYS B 37 3.49 1.81 -26.72
CA LYS B 37 3.28 1.71 -28.17
C LYS B 37 4.02 2.82 -28.91
N ASP B 38 4.69 3.72 -28.19
CA ASP B 38 5.22 4.95 -28.75
C ASP B 38 6.74 4.83 -28.95
N PRO B 39 7.26 4.74 -30.20
CA PRO B 39 8.69 4.57 -30.44
C PRO B 39 9.51 5.73 -29.90
N GLU B 40 8.90 6.91 -29.87
CA GLU B 40 9.58 8.08 -29.34
C GLU B 40 9.79 7.93 -27.83
N PHE B 41 8.73 7.48 -27.11
CA PHE B 41 8.92 7.25 -25.68
C PHE B 41 10.03 6.22 -25.46
N GLN B 42 9.98 5.12 -26.24
CA GLN B 42 10.94 4.06 -26.05
C GLN B 42 12.36 4.55 -26.37
N ALA B 43 12.52 5.33 -27.44
CA ALA B 43 13.84 5.88 -27.77
C ALA B 43 14.36 6.81 -26.66
N GLN B 44 13.49 7.61 -26.07
CA GLN B 44 13.90 8.49 -24.99
C GLN B 44 14.33 7.70 -23.76
N PHE B 45 13.54 6.68 -23.44
CA PHE B 45 13.87 5.85 -22.28
C PHE B 45 15.21 5.16 -22.52
N ALA B 46 15.41 4.59 -23.72
CA ALA B 46 16.65 3.88 -24.03
C ALA B 46 17.85 4.81 -23.93
N ASP B 47 17.63 6.08 -24.31
CA ASP B 47 18.67 7.10 -24.28
C ASP B 47 19.07 7.36 -22.82
N LEU B 48 18.08 7.49 -21.94
CA LEU B 48 18.41 7.72 -20.53
C LEU B 48 19.15 6.51 -19.94
N LEU B 49 18.60 5.30 -20.19
CA LEU B 49 19.22 4.13 -19.63
C LEU B 49 20.67 4.01 -20.07
N LYS B 50 20.94 4.28 -21.36
CA LYS B 50 22.28 4.07 -21.90
C LYS B 50 23.22 5.19 -21.42
N ASN B 51 22.88 6.42 -21.78
CA ASN B 51 23.81 7.54 -21.75
C ASN B 51 23.88 8.16 -20.35
N TYR B 52 22.86 7.90 -19.54
CA TYR B 52 22.85 8.46 -18.21
C TYR B 52 23.11 7.36 -17.19
N ALA B 53 22.39 6.21 -17.31
CA ALA B 53 22.50 5.22 -16.24
C ALA B 53 23.64 4.24 -16.53
N GLY B 54 24.00 4.11 -17.82
CA GLY B 54 25.16 3.27 -18.20
C GLY B 54 24.81 1.85 -18.69
N ARG B 55 23.51 1.62 -19.05
CA ARG B 55 23.17 0.31 -19.62
C ARG B 55 23.85 0.08 -20.98
N PRO B 56 24.17 -1.19 -21.38
CA PRO B 56 23.91 -2.41 -20.61
C PRO B 56 24.91 -2.59 -19.46
N THR B 57 24.44 -3.33 -18.43
CA THR B 57 25.30 -3.64 -17.31
C THR B 57 26.04 -4.96 -17.59
N ALA B 58 27.21 -5.07 -16.97
CA ALA B 58 28.06 -6.24 -17.17
C ALA B 58 27.40 -7.52 -16.67
N LEU B 59 27.85 -8.65 -17.23
CA LEU B 59 27.55 -9.97 -16.68
C LEU B 59 28.89 -10.62 -16.33
N THR B 60 29.15 -10.70 -15.03
CA THR B 60 30.46 -11.16 -14.54
C THR B 60 30.46 -12.64 -14.17
N LYS B 61 31.42 -13.39 -14.72
CA LYS B 61 31.66 -14.78 -14.30
C LYS B 61 32.47 -14.84 -13.01
N CYS B 62 32.10 -15.76 -12.13
CA CYS B 62 32.70 -15.86 -10.81
C CYS B 62 33.51 -17.15 -10.61
N GLN B 63 34.53 -17.35 -11.44
CA GLN B 63 35.27 -18.60 -11.36
C GLN B 63 35.92 -18.82 -9.99
N ASN B 64 36.37 -17.76 -9.31
CA ASN B 64 37.03 -18.00 -8.04
C ASN B 64 36.09 -18.68 -7.05
N ILE B 65 34.82 -18.27 -7.05
CA ILE B 65 33.84 -18.77 -6.11
C ILE B 65 33.46 -20.23 -6.40
N THR B 66 33.45 -20.63 -7.67
CA THR B 66 32.87 -21.91 -8.03
C THR B 66 33.95 -22.98 -8.27
N ALA B 67 35.23 -22.59 -8.14
CA ALA B 67 36.34 -23.51 -8.37
C ALA B 67 36.10 -24.85 -7.67
N GLY B 68 36.27 -25.94 -8.44
CA GLY B 68 36.24 -27.29 -7.89
C GLY B 68 34.82 -27.86 -7.85
N THR B 69 33.83 -27.07 -8.30
CA THR B 69 32.45 -27.54 -8.40
C THR B 69 32.04 -27.55 -9.87
N ARG B 70 30.82 -28.09 -10.15
CA ARG B 70 30.27 -28.06 -11.49
C ARG B 70 29.22 -26.94 -11.61
N THR B 71 29.33 -25.91 -10.76
CA THR B 71 28.49 -24.71 -10.89
C THR B 71 29.28 -23.70 -11.73
N THR B 72 28.59 -23.08 -12.69
CA THR B 72 29.09 -21.88 -13.34
C THR B 72 28.17 -20.73 -12.89
N LEU B 73 28.78 -19.66 -12.33
CA LEU B 73 27.99 -18.60 -11.71
C LEU B 73 28.30 -17.26 -12.39
N TYR B 74 27.23 -16.55 -12.81
CA TYR B 74 27.44 -15.20 -13.32
C TYR B 74 26.60 -14.26 -12.48
N LEU B 75 27.13 -13.04 -12.29
CA LEU B 75 26.40 -11.98 -11.61
C LEU B 75 25.96 -10.96 -12.66
N LYS B 76 24.65 -10.65 -12.68
CA LYS B 76 24.18 -9.53 -13.47
C LYS B 76 24.41 -8.23 -12.68
N ARG B 77 25.21 -7.30 -13.24
CA ARG B 77 25.85 -6.29 -12.38
C ARG B 77 25.00 -5.02 -12.31
N GLU B 78 23.83 -5.13 -11.68
CA GLU B 78 23.01 -3.94 -11.47
C GLU B 78 23.66 -2.98 -10.48
N ASP B 79 24.64 -3.48 -9.74
CA ASP B 79 25.41 -2.69 -8.78
C ASP B 79 26.24 -1.62 -9.52
N LEU B 80 26.44 -1.81 -10.82
CA LEU B 80 27.24 -0.85 -11.61
C LEU B 80 26.36 0.23 -12.23
N LEU B 81 25.04 0.11 -12.09
CA LEU B 81 24.14 1.14 -12.65
C LEU B 81 24.33 2.44 -11.90
N HIS B 82 24.11 3.58 -12.59
CA HIS B 82 24.12 4.87 -11.90
C HIS B 82 23.22 4.79 -10.69
N GLY B 83 23.74 5.24 -9.54
CA GLY B 83 23.00 5.23 -8.29
C GLY B 83 23.27 3.97 -7.47
N GLY B 84 23.84 2.94 -8.10
CA GLY B 84 24.41 1.79 -7.42
C GLY B 84 23.38 0.69 -7.14
N ALA B 85 22.16 0.81 -7.70
CA ALA B 85 21.17 -0.27 -7.62
C ALA B 85 20.25 -0.22 -8.84
N HIS B 86 19.47 -1.30 -9.04
CA HIS B 86 18.62 -1.43 -10.21
C HIS B 86 17.44 -0.46 -10.13
N LYS B 87 17.17 0.12 -8.95
CA LYS B 87 16.03 1.03 -8.82
C LYS B 87 16.03 2.11 -9.88
N THR B 88 17.23 2.52 -10.30
CA THR B 88 17.37 3.60 -11.27
C THR B 88 16.62 3.34 -12.57
N ASN B 89 16.56 2.08 -13.03
CA ASN B 89 15.94 1.81 -14.31
C ASN B 89 14.49 2.32 -14.31
N GLN B 90 13.74 1.94 -13.26
CA GLN B 90 12.29 2.15 -13.32
C GLN B 90 11.93 3.57 -12.94
N VAL B 91 12.76 4.24 -12.10
CA VAL B 91 12.46 5.65 -11.79
C VAL B 91 12.61 6.57 -13.01
N LEU B 92 13.55 6.25 -13.92
CA LEU B 92 13.72 6.99 -15.17
C LEU B 92 12.52 6.77 -16.07
N GLY B 93 12.02 5.53 -16.14
CA GLY B 93 10.79 5.29 -16.90
C GLY B 93 9.58 6.01 -16.32
N GLN B 94 9.41 5.94 -14.99
CA GLN B 94 8.26 6.58 -14.38
C GLN B 94 8.34 8.11 -14.50
N ALA B 95 9.56 8.65 -14.46
CA ALA B 95 9.74 10.08 -14.62
C ALA B 95 9.32 10.53 -16.03
N LEU B 96 9.67 9.74 -17.05
CA LEU B 96 9.24 10.02 -18.41
C LEU B 96 7.73 9.89 -18.54
N LEU B 97 7.14 8.90 -17.85
CA LEU B 97 5.69 8.78 -17.87
C LEU B 97 5.07 10.02 -17.24
N ALA B 98 5.66 10.52 -16.14
CA ALA B 98 5.13 11.72 -15.52
C ALA B 98 5.14 12.86 -16.53
N LYS B 99 6.26 13.01 -17.24
CA LYS B 99 6.37 14.06 -18.25
C LYS B 99 5.33 13.85 -19.36
N ARG B 100 5.13 12.61 -19.80
CA ARG B 100 4.14 12.30 -20.83
C ARG B 100 2.72 12.76 -20.42
N MET B 101 2.40 12.70 -19.12
CA MET B 101 1.10 13.05 -18.57
C MET B 101 1.04 14.53 -18.24
N GLY B 102 2.12 15.26 -18.56
CA GLY B 102 2.19 16.69 -18.30
C GLY B 102 2.40 17.07 -16.84
N LYS B 103 2.97 16.14 -16.06
CA LYS B 103 3.14 16.43 -14.64
C LYS B 103 4.52 17.06 -14.45
N SER B 104 4.66 17.87 -13.40
CA SER B 104 5.88 18.61 -13.18
C SER B 104 6.41 18.31 -11.78
N GLU B 105 5.69 17.45 -11.03
CA GLU B 105 6.08 17.11 -9.67
C GLU B 105 6.07 15.59 -9.47
N ILE B 106 6.96 15.12 -8.59
CA ILE B 106 7.08 13.73 -8.22
C ILE B 106 6.88 13.60 -6.72
N ILE B 107 6.05 12.61 -6.34
CA ILE B 107 5.91 12.18 -4.95
C ILE B 107 6.48 10.77 -4.84
N ALA B 108 7.27 10.52 -3.79
CA ALA B 108 7.81 9.20 -3.58
C ALA B 108 7.81 8.90 -2.09
N GLU B 109 7.72 7.59 -1.79
CA GLU B 109 7.88 7.00 -0.48
C GLU B 109 9.28 6.38 -0.44
N THR B 110 9.89 6.30 0.75
CA THR B 110 11.14 5.56 0.89
C THR B 110 11.30 5.00 2.29
N GLY B 111 11.88 3.79 2.36
CA GLY B 111 12.21 3.16 3.64
C GLY B 111 13.66 3.40 4.05
N ALA B 112 14.56 2.58 3.49
CA ALA B 112 15.99 2.68 3.72
C ALA B 112 16.57 3.91 3.01
N GLY B 113 15.82 4.46 2.06
CA GLY B 113 16.27 5.67 1.39
C GLY B 113 16.69 5.44 -0.05
N GLN B 114 16.94 4.18 -0.44
CA GLN B 114 17.43 3.96 -1.79
C GLN B 114 16.41 4.44 -2.81
N HIS B 115 15.12 4.17 -2.56
CA HIS B 115 14.14 4.65 -3.52
C HIS B 115 14.02 6.18 -3.51
N GLY B 116 14.12 6.79 -2.33
CA GLY B 116 14.13 8.25 -2.23
C GLY B 116 15.26 8.84 -3.08
N VAL B 117 16.46 8.27 -2.98
CA VAL B 117 17.59 8.80 -3.73
C VAL B 117 17.34 8.54 -5.21
N ALA B 118 16.84 7.34 -5.55
CA ALA B 118 16.60 7.03 -6.96
C ALA B 118 15.58 8.02 -7.52
N SER B 119 14.54 8.29 -6.74
CA SER B 119 13.50 9.20 -7.21
C SER B 119 14.11 10.60 -7.38
N ALA B 120 14.90 11.02 -6.40
CA ALA B 120 15.46 12.38 -6.44
C ALA B 120 16.40 12.54 -7.64
N LEU B 121 17.20 11.51 -7.95
CA LEU B 121 18.15 11.73 -9.04
C LEU B 121 17.40 11.81 -10.37
N ALA B 122 16.36 10.98 -10.55
CA ALA B 122 15.60 10.96 -11.78
C ALA B 122 14.90 12.31 -11.93
N SER B 123 14.42 12.85 -10.81
CA SER B 123 13.67 14.10 -10.81
C SER B 123 14.62 15.23 -11.18
N ALA B 124 15.84 15.22 -10.59
CA ALA B 124 16.82 16.26 -10.88
C ALA B 124 17.15 16.23 -12.37
N LEU B 125 17.42 15.04 -12.91
CA LEU B 125 17.78 14.97 -14.32
C LEU B 125 16.65 15.53 -15.18
N LEU B 126 15.41 15.19 -14.86
CA LEU B 126 14.34 15.55 -15.79
C LEU B 126 13.65 16.86 -15.40
N GLY B 127 14.13 17.55 -14.35
CA GLY B 127 13.62 18.87 -14.03
C GLY B 127 12.24 18.84 -13.38
N LEU B 128 11.98 17.80 -12.59
CA LEU B 128 10.72 17.64 -11.90
C LEU B 128 10.95 18.01 -10.44
N LYS B 129 9.93 18.60 -9.80
N LYS B 129 9.99 18.72 -9.87
CA LYS B 129 10.03 18.97 -8.39
CA LYS B 129 10.02 18.94 -8.44
C LYS B 129 9.59 17.78 -7.54
C LYS B 129 9.82 17.56 -7.80
N CYS B 130 10.52 17.31 -6.70
CA CYS B 130 10.39 16.02 -6.06
C CYS B 130 10.20 16.22 -4.57
N ARG B 131 9.18 15.54 -4.01
CA ARG B 131 9.02 15.52 -2.57
C ARG B 131 8.89 14.07 -2.13
N ILE B 132 9.56 13.73 -1.02
CA ILE B 132 9.73 12.34 -0.65
C ILE B 132 9.27 12.19 0.79
N TYR B 133 8.37 11.22 1.00
CA TYR B 133 7.87 10.90 2.32
C TYR B 133 8.71 9.77 2.92
N MET B 134 9.08 9.94 4.19
CA MET B 134 9.95 8.96 4.84
C MET B 134 9.57 8.92 6.32
N GLY B 135 9.46 7.70 6.86
CA GLY B 135 9.18 7.51 8.27
C GLY B 135 10.25 8.18 9.12
N ALA B 136 9.82 8.97 10.12
CA ALA B 136 10.71 9.68 11.03
C ALA B 136 11.80 8.76 11.61
N LYS B 137 11.44 7.51 11.93
CA LYS B 137 12.40 6.54 12.43
C LYS B 137 13.45 6.26 11.35
N ASP B 138 12.98 6.15 10.10
CA ASP B 138 13.85 5.88 8.96
C ASP B 138 14.72 7.11 8.67
N VAL B 139 14.15 8.30 8.81
CA VAL B 139 14.89 9.53 8.61
C VAL B 139 16.08 9.53 9.57
N GLU B 140 15.80 9.17 10.82
CA GLU B 140 16.77 9.20 11.89
C GLU B 140 17.92 8.26 11.58
N ARG B 141 17.60 7.09 11.02
CA ARG B 141 18.59 6.04 10.86
C ARG B 141 19.21 6.04 9.46
N GLN B 142 18.86 7.01 8.61
CA GLN B 142 19.29 6.96 7.21
C GLN B 142 19.84 8.31 6.76
N SER B 143 20.60 8.95 7.65
CA SER B 143 21.19 10.26 7.49
C SER B 143 21.90 10.44 6.15
N PRO B 144 22.76 9.48 5.72
CA PRO B 144 23.43 9.60 4.41
C PRO B 144 22.47 9.74 3.24
N ASN B 145 21.46 8.86 3.16
CA ASN B 145 20.49 8.91 2.09
C ASN B 145 19.67 10.21 2.12
N VAL B 146 19.32 10.69 3.32
CA VAL B 146 18.53 11.90 3.40
C VAL B 146 19.35 13.05 2.81
N PHE B 147 20.66 13.04 3.09
CA PHE B 147 21.48 14.16 2.67
C PHE B 147 21.64 14.13 1.15
N ARG B 148 21.73 12.93 0.58
CA ARG B 148 21.85 12.79 -0.87
C ARG B 148 20.59 13.32 -1.53
N MET B 149 19.43 12.92 -0.99
CA MET B 149 18.18 13.44 -1.53
C MET B 149 18.16 14.96 -1.58
N ARG B 150 18.52 15.61 -0.46
CA ARG B 150 18.47 17.07 -0.40
C ARG B 150 19.52 17.70 -1.31
N LEU B 151 20.67 17.03 -1.48
CA LEU B 151 21.69 17.57 -2.39
C LEU B 151 21.11 17.64 -3.80
N MET B 152 20.25 16.68 -4.13
CA MET B 152 19.69 16.55 -5.47
C MET B 152 18.43 17.38 -5.61
N GLY B 153 18.13 18.18 -4.57
CA GLY B 153 17.08 19.18 -4.72
C GLY B 153 15.69 18.70 -4.32
N ALA B 154 15.62 17.50 -3.73
CA ALA B 154 14.34 16.96 -3.30
C ALA B 154 13.99 17.47 -1.91
N GLU B 155 12.69 17.64 -1.70
CA GLU B 155 12.19 17.94 -0.37
C GLU B 155 11.92 16.61 0.32
N VAL B 156 12.46 16.47 1.53
CA VAL B 156 12.30 15.24 2.29
C VAL B 156 11.36 15.53 3.45
N ILE B 157 10.25 14.80 3.51
CA ILE B 157 9.19 15.03 4.48
C ILE B 157 9.10 13.88 5.48
N PRO B 158 9.51 14.12 6.75
CA PRO B 158 9.47 13.09 7.80
C PRO B 158 8.03 12.82 8.21
N VAL B 159 7.64 11.54 8.21
CA VAL B 159 6.29 11.09 8.57
C VAL B 159 6.31 10.64 10.03
N HIS B 160 5.39 11.19 10.84
CA HIS B 160 5.32 10.92 12.28
C HIS B 160 4.12 10.04 12.65
N SER B 161 3.35 9.61 11.64
CA SER B 161 2.09 8.90 11.82
C SER B 161 2.30 7.38 11.87
N GLY B 162 1.42 6.71 12.63
CA GLY B 162 1.51 5.29 12.90
C GLY B 162 2.85 4.94 13.56
N SER B 163 3.50 3.89 13.04
CA SER B 163 4.82 3.46 13.48
C SER B 163 5.91 4.44 13.00
N ALA B 164 5.59 5.23 11.97
CA ALA B 164 6.51 6.17 11.34
C ALA B 164 7.63 5.41 10.63
N THR B 165 7.22 4.43 9.80
CA THR B 165 8.11 3.67 8.93
C THR B 165 7.55 3.67 7.50
N LEU B 166 8.05 2.73 6.67
CA LEU B 166 7.77 2.62 5.24
C LEU B 166 6.27 2.54 4.97
N LYS B 167 5.55 1.64 5.67
CA LYS B 167 4.14 1.49 5.39
C LYS B 167 3.41 2.82 5.61
N ASP B 168 3.83 3.59 6.64
CA ASP B 168 3.24 4.89 6.97
C ASP B 168 3.65 5.95 5.95
N ALA B 169 4.90 5.87 5.47
CA ALA B 169 5.29 6.75 4.39
C ALA B 169 4.44 6.44 3.16
N CYS B 170 4.22 5.14 2.91
CA CYS B 170 3.40 4.64 1.81
C CYS B 170 2.04 5.30 1.86
N ASN B 171 1.50 5.48 3.07
CA ASN B 171 0.16 6.00 3.26
C ASN B 171 0.11 7.50 2.97
N GLU B 172 1.11 8.25 3.44
CA GLU B 172 1.10 9.70 3.40
C GLU B 172 1.35 10.20 1.98
N ALA B 173 2.09 9.41 1.20
CA ALA B 173 2.31 9.69 -0.21
C ALA B 173 0.98 9.61 -0.95
N LEU B 174 0.17 8.59 -0.62
CA LEU B 174 -1.12 8.41 -1.29
C LEU B 174 -2.07 9.55 -0.92
N ARG B 175 -2.05 9.97 0.34
CA ARG B 175 -2.85 11.10 0.79
C ARG B 175 -2.55 12.33 -0.06
N ASP B 176 -1.26 12.66 -0.19
CA ASP B 176 -0.86 13.81 -1.00
C ASP B 176 -1.34 13.64 -2.44
N TRP B 177 -1.07 12.48 -3.03
CA TRP B 177 -1.41 12.24 -4.43
C TRP B 177 -2.91 12.39 -4.68
N SER B 178 -3.74 11.94 -3.74
CA SER B 178 -5.17 11.99 -3.98
C SER B 178 -5.63 13.43 -4.19
N GLY B 179 -4.93 14.40 -3.57
CA GLY B 179 -5.20 15.81 -3.79
C GLY B 179 -4.43 16.43 -4.97
N SER B 180 -3.29 15.84 -5.38
CA SER B 180 -2.38 16.59 -6.26
C SER B 180 -2.17 15.96 -7.64
N TYR B 181 -2.93 14.91 -7.98
CA TYR B 181 -2.57 14.05 -9.10
C TYR B 181 -2.69 14.74 -10.46
N GLU B 182 -3.35 15.90 -10.54
CA GLU B 182 -3.39 16.62 -11.81
C GLU B 182 -2.00 17.11 -12.19
N THR B 183 -1.17 17.41 -11.17
CA THR B 183 0.15 18.00 -11.40
C THR B 183 1.30 17.10 -10.95
N ALA B 184 1.00 16.08 -10.11
CA ALA B 184 2.05 15.26 -9.49
C ALA B 184 1.87 13.79 -9.84
N HIS B 185 3.01 13.12 -10.06
CA HIS B 185 2.99 11.69 -10.29
C HIS B 185 3.53 10.99 -9.06
N TYR B 186 2.87 9.91 -8.61
CA TYR B 186 3.34 9.12 -7.49
C TYR B 186 4.30 8.05 -7.97
N MET B 187 5.59 8.16 -7.64
CA MET B 187 6.59 7.25 -8.21
C MET B 187 6.80 6.12 -7.20
N LEU B 188 6.05 5.01 -7.35
CA LEU B 188 6.00 3.89 -6.41
C LEU B 188 7.31 3.09 -6.61
N GLY B 189 7.91 2.65 -5.51
CA GLY B 189 9.28 2.13 -5.55
C GLY B 189 9.48 0.63 -5.81
N THR B 190 8.40 -0.15 -5.96
CA THR B 190 8.60 -1.58 -6.18
C THR B 190 7.47 -2.14 -7.05
N ALA B 191 7.54 -3.44 -7.41
CA ALA B 191 6.52 -4.06 -8.27
C ALA B 191 5.33 -4.52 -7.45
N ALA B 192 4.70 -3.56 -6.76
CA ALA B 192 3.63 -3.90 -5.85
C ALA B 192 2.71 -2.67 -5.80
N GLY B 193 1.76 -2.71 -4.88
CA GLY B 193 0.75 -1.66 -4.78
C GLY B 193 -0.37 -1.91 -5.77
N PRO B 194 -1.26 -0.92 -6.03
CA PRO B 194 -2.39 -1.16 -6.93
C PRO B 194 -1.95 -1.12 -8.39
N HIS B 195 -2.70 -1.86 -9.19
CA HIS B 195 -2.56 -1.76 -10.62
C HIS B 195 -2.71 -0.29 -11.00
N PRO B 196 -1.91 0.27 -11.95
CA PRO B 196 -1.01 -0.50 -12.81
C PRO B 196 0.46 -0.64 -12.38
N TYR B 197 0.76 -0.35 -11.13
CA TYR B 197 2.17 -0.28 -10.73
C TYR B 197 2.93 -1.61 -10.85
N PRO B 198 2.41 -2.80 -10.43
CA PRO B 198 3.22 -4.02 -10.58
C PRO B 198 3.58 -4.28 -12.05
N THR B 199 2.65 -3.96 -12.95
CA THR B 199 2.88 -4.10 -14.39
C THR B 199 3.94 -3.11 -14.89
N ILE B 200 3.76 -1.81 -14.57
CA ILE B 200 4.68 -0.77 -15.04
C ILE B 200 6.10 -1.09 -14.57
N VAL B 201 6.22 -1.36 -13.27
CA VAL B 201 7.54 -1.54 -12.67
C VAL B 201 8.23 -2.75 -13.31
N ARG B 202 7.48 -3.86 -13.51
CA ARG B 202 8.06 -5.00 -14.22
C ARG B 202 8.58 -4.55 -15.58
N GLU B 203 7.73 -3.88 -16.36
CA GLU B 203 8.14 -3.57 -17.73
C GLU B 203 9.30 -2.57 -17.77
N PHE B 204 9.45 -1.74 -16.74
CA PHE B 204 10.51 -0.75 -16.68
C PHE B 204 11.77 -1.34 -16.00
N GLN B 205 11.71 -2.64 -15.70
CA GLN B 205 12.87 -3.36 -15.15
C GLN B 205 13.24 -4.57 -16.02
N ARG B 206 12.49 -4.80 -17.09
CA ARG B 206 12.62 -6.06 -17.80
C ARG B 206 13.89 -6.13 -18.64
N MET B 207 14.57 -5.00 -18.79
CA MET B 207 15.81 -5.05 -19.59
C MET B 207 16.86 -5.85 -18.79
N ILE B 208 16.72 -5.93 -17.45
CA ILE B 208 17.67 -6.73 -16.68
C ILE B 208 17.73 -8.13 -17.26
N GLY B 209 16.57 -8.79 -17.31
CA GLY B 209 16.45 -10.15 -17.83
C GLY B 209 16.74 -10.22 -19.32
N GLU B 210 16.30 -9.19 -20.09
CA GLU B 210 16.54 -9.27 -21.52
C GLU B 210 18.05 -9.28 -21.81
N GLU B 211 18.80 -8.40 -21.13
CA GLU B 211 20.23 -8.31 -21.37
C GLU B 211 20.86 -9.61 -20.88
N THR B 212 20.44 -10.10 -19.69
CA THR B 212 21.01 -11.33 -19.15
C THR B 212 20.86 -12.46 -20.16
N LYS B 213 19.67 -12.60 -20.76
CA LYS B 213 19.47 -13.68 -21.71
C LYS B 213 20.43 -13.55 -22.89
N ALA B 214 20.55 -12.33 -23.43
CA ALA B 214 21.43 -12.13 -24.58
C ALA B 214 22.88 -12.44 -24.20
N GLN B 215 23.25 -12.00 -22.99
CA GLN B 215 24.64 -12.13 -22.59
C GLN B 215 25.01 -13.59 -22.33
N ILE B 216 24.09 -14.32 -21.69
N ILE B 216 24.07 -14.34 -21.72
CA ILE B 216 24.35 -15.73 -21.43
CA ILE B 216 24.31 -15.74 -21.42
C ILE B 216 24.33 -16.55 -22.72
C ILE B 216 24.31 -16.56 -22.71
N LEU B 217 23.49 -16.18 -23.69
CA LEU B 217 23.52 -16.88 -24.98
C LEU B 217 24.87 -16.67 -25.65
N ASP B 218 25.36 -15.44 -25.59
CA ASP B 218 26.62 -15.13 -26.25
C ASP B 218 27.78 -15.85 -25.56
N LYS B 219 27.76 -15.91 -24.23
CA LYS B 219 28.91 -16.43 -23.49
C LYS B 219 28.89 -17.96 -23.35
N GLU B 220 27.69 -18.53 -23.28
CA GLU B 220 27.56 -19.94 -22.93
C GLU B 220 26.80 -20.73 -23.98
N GLY B 221 26.10 -20.05 -24.89
CA GLY B 221 25.42 -20.71 -26.00
C GLY B 221 24.12 -21.40 -25.57
N ARG B 222 23.59 -21.03 -24.40
CA ARG B 222 22.34 -21.61 -23.96
C ARG B 222 21.75 -20.76 -22.83
N LEU B 223 20.55 -21.15 -22.40
CA LEU B 223 19.87 -20.42 -21.35
C LEU B 223 20.43 -20.90 -20.00
N PRO B 224 20.27 -20.08 -18.95
CA PRO B 224 20.70 -20.47 -17.61
C PRO B 224 19.77 -21.57 -17.11
N ASP B 225 20.29 -22.44 -16.24
CA ASP B 225 19.46 -23.40 -15.51
C ASP B 225 18.56 -22.68 -14.50
N ALA B 226 19.08 -21.60 -13.89
CA ALA B 226 18.24 -20.86 -12.94
C ALA B 226 18.73 -19.43 -12.86
N VAL B 227 17.77 -18.49 -12.68
CA VAL B 227 18.13 -17.12 -12.33
C VAL B 227 17.60 -16.86 -10.92
N ILE B 228 18.35 -16.10 -10.12
CA ILE B 228 18.13 -16.03 -8.68
C ILE B 228 18.19 -14.58 -8.29
N ALA B 229 17.13 -14.10 -7.60
CA ALA B 229 17.06 -12.70 -7.18
C ALA B 229 16.45 -12.60 -5.79
N CYS B 230 16.88 -11.59 -5.05
CA CYS B 230 16.31 -11.27 -3.76
C CYS B 230 14.96 -10.56 -3.96
N VAL B 231 14.07 -10.73 -2.98
CA VAL B 231 12.71 -10.23 -3.09
C VAL B 231 12.43 -9.35 -1.87
N GLY B 232 12.36 -8.03 -2.07
CA GLY B 232 11.76 -7.09 -1.11
C GLY B 232 10.30 -6.91 -1.53
N GLY B 233 10.03 -5.89 -2.33
CA GLY B 233 8.72 -5.78 -2.94
C GLY B 233 8.64 -6.57 -4.25
N GLY B 234 9.79 -6.90 -4.87
CA GLY B 234 9.72 -7.75 -6.04
C GLY B 234 10.22 -7.17 -7.37
N SER B 235 10.74 -5.92 -7.39
CA SER B 235 11.07 -5.32 -8.68
C SER B 235 12.32 -5.90 -9.34
N ASN B 236 13.42 -6.04 -8.58
CA ASN B 236 14.62 -6.54 -9.25
C ASN B 236 14.37 -7.95 -9.73
N ALA B 237 13.65 -8.71 -8.90
CA ALA B 237 13.40 -10.11 -9.25
C ALA B 237 12.51 -10.22 -10.48
N ILE B 238 11.38 -9.53 -10.49
CA ILE B 238 10.52 -9.60 -11.66
C ILE B 238 11.24 -9.05 -12.90
N GLY B 239 12.13 -8.09 -12.70
CA GLY B 239 12.91 -7.55 -13.81
C GLY B 239 13.83 -8.61 -14.41
N MET B 240 14.45 -9.40 -13.55
CA MET B 240 15.28 -10.50 -14.04
C MET B 240 14.42 -11.62 -14.61
N PHE B 241 13.30 -11.94 -13.94
CA PHE B 241 12.50 -13.09 -14.36
C PHE B 241 11.71 -12.88 -15.67
N ALA B 242 11.22 -11.67 -15.97
CA ALA B 242 10.11 -11.52 -16.91
C ALA B 242 10.42 -12.17 -18.27
N ASP B 243 11.58 -11.83 -18.84
CA ASP B 243 11.94 -12.32 -20.16
C ASP B 243 12.20 -13.83 -20.18
N PHE B 244 12.27 -14.47 -19.00
CA PHE B 244 12.49 -15.91 -18.91
C PHE B 244 11.20 -16.68 -18.60
N ILE B 245 10.10 -15.96 -18.30
CA ILE B 245 8.90 -16.70 -17.88
C ILE B 245 8.51 -17.75 -18.91
N ASN B 246 8.58 -17.42 -20.20
CA ASN B 246 8.12 -18.35 -21.23
C ASN B 246 9.18 -19.38 -21.60
N ASP B 247 10.39 -19.30 -21.01
CA ASP B 247 11.42 -20.32 -21.23
C ASP B 247 11.32 -21.31 -20.08
N THR B 248 10.49 -22.35 -20.26
CA THR B 248 10.03 -23.06 -19.07
C THR B 248 11.13 -23.97 -18.53
N SER B 249 12.26 -24.11 -19.24
CA SER B 249 13.40 -24.84 -18.69
C SER B 249 14.20 -24.00 -17.70
N VAL B 250 13.91 -22.68 -17.60
CA VAL B 250 14.74 -21.79 -16.78
C VAL B 250 14.12 -21.65 -15.41
N GLY B 251 14.80 -22.12 -14.36
CA GLY B 251 14.25 -21.94 -13.01
C GLY B 251 14.23 -20.46 -12.60
N LEU B 252 13.19 -20.06 -11.83
CA LEU B 252 13.09 -18.68 -11.39
C LEU B 252 13.03 -18.76 -9.88
N ILE B 253 14.06 -18.25 -9.22
CA ILE B 253 14.15 -18.45 -7.78
C ILE B 253 14.21 -17.10 -7.10
N GLY B 254 13.21 -16.82 -6.25
CA GLY B 254 13.19 -15.56 -5.54
C GLY B 254 13.54 -15.82 -4.09
N VAL B 255 14.34 -14.92 -3.51
CA VAL B 255 14.81 -15.12 -2.16
C VAL B 255 14.32 -14.02 -1.23
N GLU B 256 13.48 -14.43 -0.26
CA GLU B 256 12.98 -13.52 0.75
C GLU B 256 13.93 -13.52 1.93
N PRO B 257 13.98 -12.42 2.71
CA PRO B 257 14.82 -12.38 3.91
C PRO B 257 14.25 -13.26 5.02
N GLY B 258 15.09 -14.17 5.55
CA GLY B 258 14.68 -14.99 6.68
C GLY B 258 14.99 -14.32 8.02
N GLY B 259 15.67 -13.16 7.99
CA GLY B 259 15.96 -12.43 9.21
C GLY B 259 16.74 -13.30 10.21
N HIS B 260 16.23 -13.35 11.45
CA HIS B 260 16.86 -14.16 12.47
C HIS B 260 16.45 -15.62 12.36
N GLY B 261 15.62 -15.96 11.35
CA GLY B 261 15.15 -17.32 11.16
C GLY B 261 13.62 -17.37 11.11
N ILE B 262 13.06 -18.12 10.16
CA ILE B 262 11.61 -18.10 9.98
C ILE B 262 10.92 -18.41 11.30
N GLU B 263 11.46 -19.38 12.03
CA GLU B 263 10.80 -19.89 13.22
C GLU B 263 10.72 -18.83 14.31
N THR B 264 11.54 -17.77 14.21
CA THR B 264 11.56 -16.73 15.23
C THR B 264 10.44 -15.72 14.97
N GLY B 265 9.87 -15.78 13.76
CA GLY B 265 8.89 -14.77 13.36
C GLY B 265 9.55 -13.44 12.96
N GLU B 266 10.86 -13.31 13.14
CA GLU B 266 11.51 -12.07 12.80
C GLU B 266 12.17 -12.24 11.45
N HIS B 267 11.38 -11.95 10.42
CA HIS B 267 11.82 -12.12 9.05
C HIS B 267 11.00 -11.18 8.18
N GLY B 268 11.19 -11.31 6.87
CA GLY B 268 10.46 -10.57 5.87
C GLY B 268 10.06 -11.48 4.71
N ALA B 269 9.44 -12.62 5.03
CA ALA B 269 9.15 -13.62 4.02
C ALA B 269 7.66 -13.91 4.03
N PRO B 270 6.82 -12.92 3.67
CA PRO B 270 5.37 -13.13 3.64
C PRO B 270 4.91 -14.10 2.55
N LEU B 271 5.60 -14.13 1.40
CA LEU B 271 5.14 -14.95 0.29
C LEU B 271 5.05 -16.40 0.77
N LYS B 272 6.06 -16.87 1.53
CA LYS B 272 6.04 -18.25 1.96
C LYS B 272 5.61 -18.41 3.41
N HIS B 273 5.62 -17.34 4.23
CA HIS B 273 5.36 -17.54 5.65
C HIS B 273 4.39 -16.50 6.21
N GLY B 274 3.77 -15.70 5.33
CA GLY B 274 2.72 -14.78 5.73
C GLY B 274 1.35 -15.34 5.38
N ARG B 275 0.41 -14.42 5.15
CA ARG B 275 -0.99 -14.73 4.94
C ARG B 275 -1.54 -13.66 3.98
N VAL B 276 -2.26 -14.09 2.96
CA VAL B 276 -2.89 -13.16 2.05
C VAL B 276 -3.77 -12.18 2.82
N GLY B 277 -3.67 -10.92 2.39
CA GLY B 277 -4.45 -9.83 2.93
C GLY B 277 -4.65 -8.77 1.85
N ILE B 278 -5.32 -7.68 2.22
CA ILE B 278 -5.50 -6.61 1.26
C ILE B 278 -4.95 -5.35 1.90
N TYR B 279 -3.92 -4.78 1.27
CA TYR B 279 -3.32 -3.60 1.86
C TYR B 279 -2.35 -3.02 0.84
N PHE B 280 -1.97 -1.75 1.03
CA PHE B 280 -1.15 -1.04 0.05
C PHE B 280 -1.77 -1.18 -1.34
N GLY B 281 -3.12 -1.24 -1.46
CA GLY B 281 -3.75 -1.20 -2.76
C GLY B 281 -3.82 -2.54 -3.48
N MET B 282 -3.46 -3.64 -2.80
CA MET B 282 -3.33 -4.94 -3.47
C MET B 282 -3.73 -6.09 -2.54
N LYS B 283 -4.21 -7.17 -3.17
CA LYS B 283 -4.39 -8.45 -2.50
C LYS B 283 -3.12 -9.28 -2.72
N ALA B 284 -2.42 -9.56 -1.62
CA ALA B 284 -1.15 -10.24 -1.72
C ALA B 284 -0.78 -10.78 -0.35
N PRO B 285 0.16 -11.75 -0.24
CA PRO B 285 0.68 -12.19 1.05
C PRO B 285 1.24 -11.03 1.86
N MET B 286 0.95 -11.02 3.18
CA MET B 286 1.32 -9.91 4.05
C MET B 286 1.93 -10.47 5.33
N MET B 287 2.82 -9.71 5.96
CA MET B 287 3.14 -9.91 7.37
C MET B 287 2.01 -9.27 8.15
N GLN B 288 1.26 -10.04 8.92
CA GLN B 288 0.11 -9.51 9.65
C GLN B 288 -0.17 -10.31 10.91
N THR B 289 -0.78 -9.67 11.93
CA THR B 289 -1.20 -10.37 13.14
C THR B 289 -2.40 -11.27 12.84
N ALA B 290 -2.77 -12.11 13.82
CA ALA B 290 -3.89 -13.02 13.63
C ALA B 290 -5.20 -12.24 13.40
N ASP B 291 -5.30 -11.03 13.94
CA ASP B 291 -6.53 -10.29 13.75
C ASP B 291 -6.42 -9.23 12.65
N GLY B 292 -5.35 -9.30 11.86
CA GLY B 292 -5.33 -8.62 10.57
C GLY B 292 -4.68 -7.24 10.58
N GLN B 293 -3.88 -6.94 11.63
CA GLN B 293 -3.10 -5.72 11.64
C GLN B 293 -1.79 -6.00 10.90
N ILE B 294 -1.34 -5.07 10.07
CA ILE B 294 -0.12 -5.27 9.30
C ILE B 294 1.10 -5.07 10.21
N GLU B 295 2.06 -5.99 10.11
CA GLU B 295 3.28 -6.02 10.90
C GLU B 295 4.46 -5.48 10.10
N GLU B 296 5.53 -5.11 10.83
CA GLU B 296 6.78 -4.76 10.19
C GLU B 296 7.53 -6.07 9.95
N SER B 297 8.21 -6.13 8.81
CA SER B 297 9.13 -7.23 8.61
C SER B 297 10.43 -6.96 9.36
N TYR B 298 11.36 -7.90 9.31
CA TYR B 298 12.67 -7.68 9.88
C TYR B 298 13.67 -8.31 8.91
N SER B 299 14.73 -7.56 8.58
CA SER B 299 15.91 -8.13 7.92
C SER B 299 17.15 -7.33 8.33
N ILE B 300 18.32 -7.99 8.37
CA ILE B 300 19.59 -7.26 8.46
C ILE B 300 19.58 -6.16 7.39
N SER B 301 18.93 -6.45 6.26
CA SER B 301 18.95 -5.56 5.11
C SER B 301 17.68 -4.72 5.07
N ALA B 302 17.82 -3.42 5.34
CA ALA B 302 16.65 -2.55 5.41
C ALA B 302 15.87 -2.54 4.10
N GLY B 303 16.56 -2.74 2.97
CA GLY B 303 15.92 -2.73 1.67
C GLY B 303 15.03 -3.94 1.38
N LEU B 304 15.13 -4.98 2.19
CA LEU B 304 14.23 -6.16 2.00
C LEU B 304 13.12 -6.16 3.05
N ASP B 305 13.04 -5.08 3.80
CA ASP B 305 12.08 -4.92 4.92
C ASP B 305 10.68 -4.49 4.46
N PHE B 306 10.19 -4.91 3.31
CA PHE B 306 8.81 -4.61 2.86
C PHE B 306 7.96 -5.73 3.47
N PRO B 307 6.82 -5.40 4.11
CA PRO B 307 6.05 -6.44 4.79
C PRO B 307 5.04 -7.21 3.92
N SER B 308 5.18 -7.11 2.63
CA SER B 308 4.32 -7.82 1.67
C SER B 308 5.17 -8.25 0.48
N VAL B 309 4.57 -8.44 -0.67
CA VAL B 309 5.32 -8.84 -1.83
C VAL B 309 4.46 -8.54 -3.05
N GLY B 310 5.12 -8.26 -4.17
CA GLY B 310 4.40 -7.95 -5.40
C GLY B 310 3.45 -9.07 -5.78
N PRO B 311 2.23 -8.79 -6.33
CA PRO B 311 1.25 -9.86 -6.60
C PRO B 311 1.67 -10.82 -7.72
N GLN B 312 2.54 -10.39 -8.64
CA GLN B 312 2.91 -11.29 -9.72
C GLN B 312 3.80 -12.41 -9.16
N HIS B 313 4.55 -12.10 -8.10
CA HIS B 313 5.36 -13.16 -7.47
C HIS B 313 4.43 -14.17 -6.80
N ALA B 314 3.43 -13.66 -6.07
CA ALA B 314 2.44 -14.55 -5.45
C ALA B 314 1.83 -15.46 -6.50
N TYR B 315 1.55 -14.92 -7.68
CA TYR B 315 0.90 -15.65 -8.77
C TYR B 315 1.84 -16.72 -9.30
N LEU B 316 3.06 -16.30 -9.67
CA LEU B 316 4.05 -17.21 -10.20
C LEU B 316 4.31 -18.37 -9.22
N ASN B 317 4.31 -18.10 -7.93
CA ASN B 317 4.47 -19.16 -6.96
C ASN B 317 3.26 -20.10 -6.98
N SER B 318 2.06 -19.54 -7.06
N SER B 318 2.05 -19.53 -7.06
CA SER B 318 0.89 -20.39 -6.90
CA SER B 318 0.83 -20.34 -6.94
C SER B 318 0.79 -21.40 -8.06
C SER B 318 0.74 -21.36 -8.06
N ILE B 319 1.26 -21.00 -9.24
CA ILE B 319 1.18 -21.88 -10.41
C ILE B 319 2.42 -22.76 -10.54
N GLY B 320 3.38 -22.56 -9.64
CA GLY B 320 4.59 -23.33 -9.62
C GLY B 320 5.62 -22.93 -10.68
N ARG B 321 5.44 -21.76 -11.30
CA ARG B 321 6.39 -21.30 -12.29
C ARG B 321 7.65 -20.78 -11.59
N ALA B 322 7.52 -20.13 -10.43
CA ALA B 322 8.70 -19.68 -9.71
C ALA B 322 8.70 -20.28 -8.31
N ASP B 323 9.91 -20.52 -7.80
CA ASP B 323 10.05 -21.05 -6.45
C ASP B 323 10.62 -19.95 -5.56
N TYR B 324 10.15 -19.89 -4.31
CA TYR B 324 10.62 -18.84 -3.41
C TYR B 324 11.21 -19.55 -2.18
N VAL B 325 12.31 -19.00 -1.69
CA VAL B 325 13.05 -19.58 -0.59
C VAL B 325 13.42 -18.43 0.34
N SER B 326 14.00 -18.73 1.51
CA SER B 326 14.55 -17.66 2.35
C SER B 326 16.02 -17.93 2.71
N ILE B 327 16.68 -16.83 3.10
CA ILE B 327 18.08 -16.81 3.47
C ILE B 327 18.19 -15.92 4.71
N THR B 328 18.89 -16.42 5.72
CA THR B 328 18.87 -15.68 6.99
C THR B 328 19.94 -14.58 7.00
N ASP B 329 19.91 -13.72 8.02
CA ASP B 329 20.92 -12.67 8.19
C ASP B 329 22.33 -13.28 8.11
N ASP B 330 22.59 -14.37 8.85
CA ASP B 330 23.95 -14.86 8.89
C ASP B 330 24.37 -15.45 7.55
N GLU B 331 23.44 -16.10 6.84
CA GLU B 331 23.75 -16.62 5.52
C GLU B 331 24.09 -15.45 4.58
N ALA B 332 23.29 -14.38 4.62
CA ALA B 332 23.58 -13.26 3.74
C ALA B 332 24.92 -12.61 4.06
N LEU B 333 25.23 -12.49 5.36
CA LEU B 333 26.53 -11.94 5.78
C LEU B 333 27.70 -12.78 5.25
N GLU B 334 27.59 -14.11 5.30
N GLU B 334 27.56 -14.11 5.26
CA GLU B 334 28.65 -14.97 4.76
CA GLU B 334 28.63 -14.99 4.79
C GLU B 334 28.84 -14.72 3.27
C GLU B 334 28.80 -14.86 3.28
N ALA B 335 27.72 -14.57 2.55
CA ALA B 335 27.78 -14.38 1.10
C ALA B 335 28.47 -13.04 0.79
N PHE B 336 28.14 -12.02 1.59
CA PHE B 336 28.75 -10.70 1.50
C PHE B 336 30.27 -10.81 1.61
N LYS B 337 30.75 -11.43 2.68
CA LYS B 337 32.18 -11.66 2.90
C LYS B 337 32.80 -12.41 1.74
N THR B 338 32.15 -13.49 1.30
CA THR B 338 32.65 -14.32 0.22
C THR B 338 32.89 -13.52 -1.06
N LEU B 339 31.90 -12.67 -1.44
CA LEU B 339 32.04 -11.94 -2.68
C LEU B 339 33.16 -10.90 -2.54
N CYS B 340 33.27 -10.21 -1.38
CA CYS B 340 34.31 -9.19 -1.26
C CYS B 340 35.68 -9.87 -1.43
N ARG B 341 35.89 -10.98 -0.71
CA ARG B 341 37.21 -11.61 -0.64
C ARG B 341 37.60 -12.30 -1.95
N HIS B 342 36.62 -12.95 -2.62
CA HIS B 342 36.94 -13.84 -3.72
C HIS B 342 36.71 -13.20 -5.08
N GLU B 343 35.96 -12.09 -5.12
CA GLU B 343 35.76 -11.41 -6.40
C GLU B 343 36.05 -9.90 -6.32
N GLY B 344 36.23 -9.35 -5.13
CA GLY B 344 36.56 -7.93 -5.06
C GLY B 344 35.34 -7.06 -5.43
N ILE B 345 34.14 -7.60 -5.20
CA ILE B 345 32.91 -6.83 -5.39
C ILE B 345 32.21 -6.76 -4.04
N ILE B 346 31.86 -5.55 -3.60
CA ILE B 346 31.13 -5.41 -2.35
C ILE B 346 29.64 -5.39 -2.71
N PRO B 347 28.88 -6.46 -2.43
CA PRO B 347 27.45 -6.46 -2.80
C PRO B 347 26.58 -5.82 -1.73
N ALA B 348 25.42 -5.28 -2.15
CA ALA B 348 24.38 -4.87 -1.23
C ALA B 348 23.98 -6.07 -0.38
N LEU B 349 23.67 -5.85 0.92
CA LEU B 349 23.16 -6.94 1.73
C LEU B 349 21.85 -7.50 1.16
N GLU B 350 21.08 -6.71 0.39
CA GLU B 350 19.89 -7.26 -0.24
C GLU B 350 20.37 -8.36 -1.18
N SER B 351 21.28 -7.99 -2.09
CA SER B 351 21.71 -8.86 -3.18
C SER B 351 22.44 -10.08 -2.60
N SER B 352 23.03 -9.89 -1.41
CA SER B 352 23.83 -10.93 -0.74
C SER B 352 22.90 -12.09 -0.37
N HIS B 353 21.59 -11.81 -0.23
CA HIS B 353 20.65 -12.90 0.02
C HIS B 353 20.53 -13.78 -1.21
N ALA B 354 20.45 -13.17 -2.41
CA ALA B 354 20.38 -13.97 -3.62
C ALA B 354 21.66 -14.79 -3.77
N LEU B 355 22.82 -14.12 -3.63
CA LEU B 355 24.09 -14.83 -3.73
C LEU B 355 24.16 -16.00 -2.75
N ALA B 356 23.76 -15.76 -1.49
CA ALA B 356 23.80 -16.82 -0.47
C ALA B 356 23.05 -18.07 -0.94
N HIS B 357 21.91 -17.87 -1.60
CA HIS B 357 21.15 -19.05 -1.99
C HIS B 357 21.83 -19.79 -3.15
N ALA B 358 22.46 -19.03 -4.05
CA ALA B 358 23.20 -19.65 -5.15
C ALA B 358 24.39 -20.42 -4.55
N LEU B 359 25.01 -19.87 -3.49
CA LEU B 359 26.16 -20.53 -2.90
C LEU B 359 25.72 -21.85 -2.26
N LYS B 360 24.52 -21.84 -1.65
N LYS B 360 24.50 -21.86 -1.71
CA LYS B 360 23.91 -23.04 -1.10
CA LYS B 360 23.91 -23.05 -1.13
C LYS B 360 23.65 -24.06 -2.22
C LYS B 360 23.63 -24.09 -2.22
N MET B 361 23.09 -23.64 -3.36
CA MET B 361 22.80 -24.56 -4.45
C MET B 361 24.09 -25.29 -4.86
N MET B 362 25.17 -24.52 -4.99
CA MET B 362 26.46 -25.05 -5.36
C MET B 362 27.01 -25.97 -4.28
N ARG B 363 27.06 -25.49 -3.02
CA ARG B 363 27.78 -26.22 -1.99
C ARG B 363 27.05 -27.53 -1.63
N GLU B 364 25.71 -27.50 -1.66
CA GLU B 364 24.92 -28.65 -1.22
C GLU B 364 25.14 -29.81 -2.20
N GLN B 365 25.37 -29.46 -3.46
CA GLN B 365 25.41 -30.43 -4.54
C GLN B 365 26.54 -30.02 -5.48
N PRO B 366 27.79 -30.18 -5.03
CA PRO B 366 28.93 -29.62 -5.76
C PRO B 366 29.23 -30.33 -7.08
N GLU B 367 28.67 -31.54 -7.30
CA GLU B 367 28.92 -32.20 -8.58
CA GLU B 367 28.91 -32.24 -8.56
C GLU B 367 27.72 -32.09 -9.50
N LYS B 368 26.73 -31.26 -9.10
CA LYS B 368 25.63 -30.99 -10.01
C LYS B 368 26.05 -29.94 -11.04
N GLU B 369 25.89 -30.24 -12.32
CA GLU B 369 26.18 -29.25 -13.35
C GLU B 369 25.04 -28.25 -13.40
N GLN B 370 25.37 -26.97 -13.22
CA GLN B 370 24.29 -25.98 -13.22
C GLN B 370 24.90 -24.63 -13.59
N LEU B 371 24.20 -23.91 -14.47
CA LEU B 371 24.60 -22.57 -14.90
C LEU B 371 23.61 -21.61 -14.25
N LEU B 372 24.12 -20.79 -13.33
CA LEU B 372 23.26 -19.95 -12.49
C LEU B 372 23.60 -18.49 -12.76
N VAL B 373 22.55 -17.64 -12.80
CA VAL B 373 22.79 -16.20 -12.77
C VAL B 373 22.17 -15.64 -11.49
N VAL B 374 22.96 -14.87 -10.74
CA VAL B 374 22.41 -14.12 -9.60
C VAL B 374 22.25 -12.68 -10.07
N ASN B 375 21.07 -12.09 -9.80
CA ASN B 375 20.90 -10.68 -10.05
C ASN B 375 21.58 -9.91 -8.94
N LEU B 376 22.69 -9.21 -9.26
CA LEU B 376 23.37 -8.48 -8.19
C LEU B 376 22.77 -7.08 -8.13
N SER B 377 21.69 -6.95 -7.34
CA SER B 377 20.76 -5.82 -7.49
C SER B 377 21.44 -4.50 -7.11
N GLY B 378 22.44 -4.52 -6.22
CA GLY B 378 23.13 -3.27 -5.88
C GLY B 378 24.48 -3.48 -5.23
N ARG B 379 25.26 -2.39 -5.07
N ARG B 379 25.17 -2.34 -4.99
CA ARG B 379 26.54 -2.53 -4.41
CA ARG B 379 26.49 -2.33 -4.41
C ARG B 379 26.35 -2.19 -2.94
C ARG B 379 26.33 -2.13 -2.90
N GLY B 380 27.34 -2.56 -2.12
CA GLY B 380 27.16 -2.63 -0.68
C GLY B 380 28.04 -1.69 0.13
N ASP B 381 28.56 -0.65 -0.50
CA ASP B 381 29.25 0.40 0.24
C ASP B 381 28.42 0.88 1.42
N LYS B 382 27.12 1.12 1.16
CA LYS B 382 26.12 1.54 2.13
C LYS B 382 26.07 0.61 3.37
N ASP B 383 26.51 -0.64 3.20
CA ASP B 383 26.31 -1.65 4.24
C ASP B 383 27.55 -1.88 5.09
N ILE B 384 28.66 -1.20 4.77
CA ILE B 384 29.91 -1.55 5.42
C ILE B 384 29.87 -1.21 6.92
N PHE B 385 29.11 -0.20 7.32
CA PHE B 385 29.03 0.11 8.74
C PHE B 385 28.24 -0.98 9.45
N THR B 386 27.15 -1.42 8.82
CA THR B 386 26.33 -2.48 9.39
C THR B 386 27.13 -3.76 9.55
N VAL B 387 27.88 -4.14 8.51
CA VAL B 387 28.68 -5.36 8.54
C VAL B 387 29.78 -5.22 9.59
N HIS B 388 30.48 -4.09 9.57
CA HIS B 388 31.53 -3.84 10.56
C HIS B 388 30.99 -4.06 11.98
N ASP B 389 29.82 -3.48 12.28
CA ASP B 389 29.26 -3.50 13.62
C ASP B 389 28.98 -4.92 14.10
N ILE B 390 28.50 -5.78 13.20
CA ILE B 390 28.13 -7.13 13.58
C ILE B 390 29.40 -7.95 13.84
N LEU B 391 30.35 -7.84 12.91
CA LEU B 391 31.59 -8.59 12.96
C LEU B 391 32.31 -8.26 14.27
N LYS B 392 32.36 -6.98 14.63
CA LYS B 392 32.99 -6.57 15.88
C LYS B 392 32.24 -7.20 17.05
N ALA B 393 30.90 -7.14 17.03
CA ALA B 393 30.08 -7.62 18.13
C ALA B 393 30.24 -9.12 18.33
N ARG B 394 30.53 -9.86 17.25
CA ARG B 394 30.77 -11.29 17.29
C ARG B 394 32.22 -11.57 17.67
N GLY B 395 33.04 -10.52 17.64
CA GLY B 395 34.48 -10.65 17.78
C GLY B 395 35.12 -11.25 16.53
N GLU B 396 35.01 -10.54 15.40
CA GLU B 396 35.61 -10.98 14.16
C GLU B 396 36.55 -9.89 13.63
C1 EDO C . -21.54 3.46 29.13
O1 EDO C . -22.33 4.63 29.04
C2 EDO C . -22.30 2.20 29.29
O2 EDO C . -22.34 1.40 28.11
S DMS D . -30.20 -3.30 2.66
O DMS D . -29.40 -4.11 3.66
C1 DMS D . -30.51 -1.73 3.43
C2 DMS D . -31.85 -3.95 2.75
S DMS E . -35.71 16.48 3.96
O DMS E . -36.39 17.72 3.42
C1 DMS E . -33.99 16.86 4.04
C2 DMS E . -35.64 15.33 2.60
S DMS F . -13.25 8.34 4.07
O DMS F . -12.18 8.37 5.14
C1 DMS F . -14.77 8.64 4.92
C2 DMS F . -13.13 9.89 3.22
CL CL G . -11.95 4.79 28.71
C1 PEG H . -30.26 2.14 -3.22
O1 PEG H . -31.53 2.67 -2.88
C2 PEG H . -30.05 2.06 -4.69
O2 PEG H . -31.09 1.30 -5.30
C3 PEG H . -30.64 0.52 -6.40
C4 PEG H . -31.36 0.92 -7.64
O4 PEG H . -31.07 2.25 -8.02
C1 EDO I . -13.82 -9.02 13.32
O1 EDO I . -13.65 -8.87 14.72
C2 EDO I . -14.30 -10.36 12.96
O2 EDO I . -14.07 -10.73 11.60
S DMS J . -8.42 6.34 28.73
O DMS J . -9.78 6.74 28.22
C1 DMS J . -7.28 7.59 28.17
C2 DMS J . -7.84 5.01 27.70
S DMS K . -16.66 -4.31 25.74
O DMS K . -15.62 -4.09 24.66
C1 DMS K . -15.79 -4.22 27.28
C2 DMS K . -17.57 -2.80 25.88
CL CL L . -32.24 4.35 18.87
CS CS M . -9.67 -15.16 4.00
CS CS M . -6.95 -13.93 5.31
CS CS N . -31.82 24.83 8.58
CS CS N . -32.20 25.18 11.02
N1 PLP O . 18.26 -4.82 -3.71
C2 PLP O . 18.65 -3.55 -3.81
C2A PLP O . 20.08 -3.26 -4.07
C3 PLP O . 17.72 -2.51 -3.65
O3 PLP O . 18.19 -1.24 -3.77
C4 PLP O . 16.37 -2.79 -3.38
C4A PLP O . 15.40 -1.68 -3.26
C5 PLP O . 16.00 -4.16 -3.32
C6 PLP O . 16.97 -5.10 -3.47
C5A PLP O . 14.64 -4.67 -2.94
O4P PLP O . 13.50 -4.14 -3.70
P PLP O . 12.98 -5.02 -4.91
O1P PLP O . 12.47 -6.33 -4.34
O2P PLP O . 14.02 -5.19 -5.99
O3P PLP O . 11.84 -4.16 -5.36
S DMS P . 27.21 2.43 -23.16
O DMS P . 26.77 2.93 -21.75
C1 DMS P . 28.76 3.30 -23.47
C2 DMS P . 27.78 0.81 -22.94
S DMS Q . 0.48 -20.72 1.15
O DMS Q . 1.83 -21.36 1.24
C1 DMS Q . -0.07 -20.92 -0.52
C2 DMS Q . -0.66 -21.84 1.91
S DMS R . 14.21 0.98 -23.34
O DMS R . 15.55 0.35 -23.66
C1 DMS R . 13.26 0.90 -24.84
C2 DMS R . 13.34 -0.26 -22.42
S DMS S . 6.27 0.21 -30.36
O DMS S . 6.57 0.61 -31.79
C1 DMS S . 7.28 1.26 -29.34
C2 DMS S . 7.14 -1.30 -30.07
S DMS T . 23.43 -7.57 -24.71
O DMS T . 22.16 -6.82 -24.39
C1 DMS T . 24.74 -6.75 -23.82
C2 DMS T . 23.89 -7.06 -26.35
S DMS U . -8.72 -6.13 -19.15
O DMS U . -9.32 -5.85 -20.51
C1 DMS U . -8.44 -7.88 -19.10
C2 DMS U . -10.08 -6.08 -18.01
CS CS V . 33.33 -24.23 -11.76
CS CS V . 33.01 -24.80 -13.16
CS CS W . 9.18 -10.08 0.60
CS CS W . 9.85 -8.79 1.79
CL CL X . -4.95 17.57 -8.54
C1 EDO Y . 7.48 -1.57 -25.19
O1 EDO Y . 6.74 -2.77 -25.32
C2 EDO Y . 8.63 -1.53 -26.12
O2 EDO Y . 8.29 -1.97 -27.41
S DMS Z . 29.53 -20.38 -26.44
O DMS Z . 30.96 -20.08 -26.81
C1 DMS Z . 28.54 -19.22 -27.35
C2 DMS Z . 29.08 -21.83 -27.36
S DMS AA . 35.09 -12.40 -15.57
O DMS AA . 35.41 -11.84 -14.18
C1 DMS AA . 36.01 -11.34 -16.66
C2 DMS AA . 33.47 -11.84 -16.00
S DMS BA . 18.09 -25.79 -2.19
O DMS BA . 17.51 -25.56 -3.55
C1 DMS BA . 17.13 -24.85 -1.03
C2 DMS BA . 19.60 -24.84 -2.11
S DMS CA . 6.67 -17.69 10.74
O DMS CA . 5.55 -18.33 9.97
C1 DMS CA . 6.63 -18.40 12.38
C2 DMS CA . 6.14 -16.06 11.17
S DMS DA . 25.48 -33.48 -13.61
O DMS DA . 24.38 -32.50 -13.29
C1 DMS DA . 25.00 -34.26 -15.13
C2 DMS DA . 25.23 -34.85 -12.51
CL CL EA . -10.57 -11.58 -9.63
CL CL FA . 12.70 21.84 -10.45
CL CL GA . 16.13 -25.87 -14.39
C1 EDO HA . 19.18 -22.19 7.24
O1 EDO HA . 19.98 -21.59 8.25
C2 EDO HA . 19.14 -23.67 7.30
O2 EDO HA . 19.31 -24.19 8.60
CS CS IA . 28.35 -0.26 -20.00
#